data_9BE8
#
_entry.id   9BE8
#
_cell.length_a   1.00
_cell.length_b   1.00
_cell.length_c   1.00
_cell.angle_alpha   90.00
_cell.angle_beta   90.00
_cell.angle_gamma   90.00
#
_symmetry.space_group_name_H-M   'P 1'
#
loop_
_entity.id
_entity.type
_entity.pdbx_description
1 polymer 'Transcription attenuation protein MtrB'
2 non-polymer TRYPTOPHAN
#
_entity_poly.entity_id   1
_entity_poly.type   'polypeptide(L)'
_entity_poly.pdbx_seq_one_letter_code
;MNVGDNSNFFVIKAKENGVNVFGMTRGTDTRFHHSEKLDKGEVMIAQFTEHTSAVKIRGKAIIQTSYGTLDTEKDEGGGG
SGGGGSMNVGDNSNFFVIKAKENGVNVFGMTRGTDTRFHHSEKLDKGEVMIAQFAEHASAVKIRGKAIIQTSYGTLDTEK
DEENLYFQ
;
_entity_poly.pdbx_strand_id   A,I,L,O,B,F
#
# COMPACT_ATOMS: atom_id res chain seq x y z
N ASN A 8 -2.43 3.57 -16.28
CA ASN A 8 -2.74 2.17 -16.53
C ASN A 8 -2.75 1.87 -18.03
N PHE A 9 -2.94 0.61 -18.38
CA PHE A 9 -2.98 0.17 -19.77
C PHE A 9 -4.17 -0.74 -19.99
N PHE A 10 -4.58 -0.85 -21.26
CA PHE A 10 -5.75 -1.62 -21.64
C PHE A 10 -5.39 -2.58 -22.78
N VAL A 11 -6.25 -3.57 -22.98
CA VAL A 11 -6.04 -4.62 -23.97
C VAL A 11 -7.27 -4.68 -24.86
N ILE A 12 -7.05 -4.81 -26.17
CA ILE A 12 -8.12 -4.94 -27.16
C ILE A 12 -7.90 -6.24 -27.93
N LYS A 13 -8.93 -7.04 -28.04
CA LYS A 13 -8.94 -8.24 -28.87
C LYS A 13 -10.06 -8.13 -29.88
N ALA A 14 -9.75 -8.45 -31.14
CA ALA A 14 -10.69 -8.29 -32.24
C ALA A 14 -11.41 -9.61 -32.49
N LYS A 15 -12.73 -9.59 -32.43
CA LYS A 15 -13.56 -10.75 -32.75
C LYS A 15 -13.93 -10.83 -34.22
N GLU A 16 -13.55 -9.83 -35.01
CA GLU A 16 -13.87 -9.83 -36.44
C GLU A 16 -12.90 -8.88 -37.14
N ASN A 17 -12.96 -8.87 -38.47
CA ASN A 17 -12.23 -7.89 -39.24
C ASN A 17 -13.02 -6.59 -39.32
N GLY A 18 -12.30 -5.48 -39.51
CA GLY A 18 -12.92 -4.18 -39.54
C GLY A 18 -12.90 -3.43 -38.22
N VAL A 19 -12.27 -3.98 -37.19
CA VAL A 19 -12.20 -3.31 -35.89
C VAL A 19 -11.16 -2.20 -35.98
N ASN A 20 -11.55 -0.99 -35.57
CA ASN A 20 -10.69 0.18 -35.65
C ASN A 20 -10.60 0.84 -34.28
N VAL A 21 -9.43 1.43 -34.01
CA VAL A 21 -9.15 2.13 -32.76
C VAL A 21 -8.59 3.50 -33.09
N PHE A 22 -8.98 4.50 -32.30
CA PHE A 22 -8.58 5.87 -32.52
C PHE A 22 -7.91 6.42 -31.26
N GLY A 23 -6.92 7.29 -31.46
CA GLY A 23 -6.22 7.95 -30.36
C GLY A 23 -6.49 9.45 -30.39
N MET A 24 -6.96 9.97 -29.26
CA MET A 24 -7.30 11.37 -29.12
C MET A 24 -6.25 12.08 -28.28
N THR A 25 -5.91 13.30 -28.69
CA THR A 25 -4.79 14.02 -28.09
C THR A 25 -5.14 14.55 -26.71
N ARG A 26 -4.12 14.61 -25.85
CA ARG A 26 -4.23 15.26 -24.55
C ARG A 26 -3.99 16.76 -24.74
N GLY A 27 -5.01 17.56 -24.45
CA GLY A 27 -4.90 19.00 -24.61
C GLY A 27 -6.26 19.66 -24.51
N THR A 28 -6.29 20.92 -24.95
CA THR A 28 -7.51 21.72 -24.85
C THR A 28 -8.63 21.12 -25.69
N ASP A 29 -8.32 20.66 -26.90
CA ASP A 29 -9.31 20.14 -27.82
C ASP A 29 -9.23 18.62 -27.87
N THR A 30 -10.35 17.98 -28.18
CA THR A 30 -10.46 16.52 -28.21
C THR A 30 -10.84 16.09 -29.62
N ARG A 31 -9.83 15.81 -30.43
CA ARG A 31 -10.03 15.25 -31.76
C ARG A 31 -9.11 14.04 -31.96
N PHE A 32 -9.52 13.16 -32.87
CA PHE A 32 -8.77 11.95 -33.19
C PHE A 32 -7.74 12.30 -34.26
N HIS A 33 -6.48 11.93 -34.01
CA HIS A 33 -5.39 12.23 -34.93
C HIS A 33 -4.84 10.98 -35.61
N HIS A 34 -4.96 9.81 -34.98
CA HIS A 34 -4.43 8.57 -35.53
C HIS A 34 -5.49 7.49 -35.46
N SER A 35 -5.41 6.55 -36.40
CA SER A 35 -6.34 5.44 -36.46
C SER A 35 -5.61 4.18 -36.90
N GLU A 36 -5.92 3.06 -36.27
CA GLU A 36 -5.30 1.78 -36.58
C GLU A 36 -6.38 0.74 -36.84
N LYS A 37 -6.04 -0.24 -37.66
CA LYS A 37 -6.97 -1.29 -38.06
C LYS A 37 -6.51 -2.64 -37.51
N LEU A 38 -7.46 -3.40 -36.98
CA LEU A 38 -7.20 -4.71 -36.42
C LEU A 38 -7.99 -5.76 -37.18
N ASP A 39 -7.35 -6.90 -37.44
CA ASP A 39 -8.00 -8.02 -38.11
C ASP A 39 -8.56 -8.99 -37.07
N LYS A 40 -9.43 -9.89 -37.53
CA LYS A 40 -10.05 -10.87 -36.65
C LYS A 40 -8.97 -11.70 -35.96
N GLY A 41 -9.08 -11.82 -34.63
CA GLY A 41 -8.15 -12.61 -33.86
C GLY A 41 -6.91 -11.88 -33.41
N GLU A 42 -6.70 -10.64 -33.84
CA GLU A 42 -5.54 -9.87 -33.39
C GLU A 42 -5.82 -9.22 -32.05
N VAL A 43 -4.73 -8.89 -31.35
CA VAL A 43 -4.79 -8.30 -30.02
C VAL A 43 -3.82 -7.12 -29.96
N MET A 44 -4.24 -6.06 -29.28
CA MET A 44 -3.44 -4.85 -29.14
C MET A 44 -3.38 -4.45 -27.66
N ILE A 45 -2.21 -3.97 -27.24
CA ILE A 45 -2.00 -3.48 -25.88
C ILE A 45 -1.38 -2.09 -25.98
N ALA A 46 -1.96 -1.14 -25.26
CA ALA A 46 -1.49 0.24 -25.31
C ALA A 46 -1.65 0.87 -23.93
N GLN A 47 -0.81 1.88 -23.67
CA GLN A 47 -0.84 2.62 -22.42
C GLN A 47 -1.07 4.10 -22.69
N PHE A 48 -1.75 4.75 -21.75
CA PHE A 48 -1.98 6.19 -21.87
C PHE A 48 -0.66 6.93 -21.69
N THR A 49 -0.40 7.88 -22.59
CA THR A 49 0.84 8.63 -22.60
C THR A 49 0.55 10.14 -22.56
N GLU A 50 1.62 10.93 -22.64
CA GLU A 50 1.48 12.38 -22.62
C GLU A 50 0.65 12.87 -23.80
N HIS A 51 0.89 12.34 -24.99
CA HIS A 51 0.15 12.78 -26.17
C HIS A 51 -1.32 12.37 -26.10
N THR A 52 -1.59 11.14 -25.72
CA THR A 52 -2.93 10.56 -25.80
C THR A 52 -3.52 10.39 -24.40
N SER A 53 -4.79 10.78 -24.24
CA SER A 53 -5.50 10.61 -22.99
C SER A 53 -6.81 9.84 -23.12
N ALA A 54 -7.24 9.52 -24.34
CA ALA A 54 -8.49 8.81 -24.54
C ALA A 54 -8.43 8.10 -25.89
N VAL A 55 -9.32 7.11 -26.05
CA VAL A 55 -9.40 6.32 -27.27
C VAL A 55 -10.87 6.01 -27.56
N LYS A 56 -11.12 5.58 -28.79
CA LYS A 56 -12.45 5.17 -29.24
C LYS A 56 -12.34 3.84 -29.94
N ILE A 57 -13.36 2.99 -29.76
CA ILE A 57 -13.36 1.64 -30.30
C ILE A 57 -14.70 1.40 -31.00
N ARG A 58 -14.65 0.80 -32.18
CA ARG A 58 -15.84 0.43 -32.93
C ARG A 58 -15.69 -0.98 -33.48
N GLY A 59 -16.78 -1.72 -33.48
CA GLY A 59 -16.81 -3.07 -34.01
C GLY A 59 -16.82 -4.11 -32.90
N LYS A 60 -16.94 -5.36 -33.31
CA LYS A 60 -16.95 -6.49 -32.38
C LYS A 60 -15.54 -6.71 -31.85
N ALA A 61 -15.36 -6.52 -30.54
CA ALA A 61 -14.05 -6.67 -29.93
C ALA A 61 -14.23 -6.97 -28.44
N ILE A 62 -13.14 -7.44 -27.82
CA ILE A 62 -13.11 -7.75 -26.40
C ILE A 62 -12.11 -6.81 -25.73
N ILE A 63 -12.54 -6.16 -24.66
CA ILE A 63 -11.73 -5.18 -23.95
C ILE A 63 -11.57 -5.64 -22.51
N GLN A 64 -10.33 -5.63 -22.02
CA GLN A 64 -10.01 -6.00 -20.65
C GLN A 64 -9.47 -4.78 -19.92
N THR A 65 -9.99 -4.55 -18.72
CA THR A 65 -9.56 -3.43 -17.90
C THR A 65 -9.59 -3.85 -16.44
N SER A 66 -8.96 -3.04 -15.59
CA SER A 66 -8.96 -3.33 -14.16
C SER A 66 -10.37 -3.46 -13.61
N TYR A 67 -11.31 -2.66 -14.15
CA TYR A 67 -12.69 -2.77 -13.71
C TYR A 67 -13.29 -4.11 -14.11
N GLY A 68 -12.85 -4.68 -15.23
CA GLY A 68 -13.33 -5.97 -15.68
C GLY A 68 -13.12 -6.11 -17.17
N THR A 69 -13.68 -7.19 -17.71
CA THR A 69 -13.61 -7.47 -19.15
C THR A 69 -14.95 -7.12 -19.78
N LEU A 70 -14.89 -6.37 -20.88
CA LEU A 70 -16.08 -5.88 -21.57
C LEU A 70 -16.08 -6.36 -23.01
N ASP A 71 -17.25 -6.79 -23.47
CA ASP A 71 -17.45 -7.21 -24.86
C ASP A 71 -18.54 -6.36 -25.49
N THR A 72 -18.30 -5.91 -26.73
CA THR A 72 -19.24 -5.03 -27.39
C THR A 72 -20.46 -5.79 -27.91
N GLU A 73 -20.33 -7.09 -28.19
CA GLU A 73 -21.46 -7.84 -28.74
C GLU A 73 -22.57 -8.02 -27.72
N LYS A 74 -22.23 -8.06 -26.43
CA LYS A 74 -23.25 -8.26 -25.40
C LYS A 74 -24.26 -7.12 -25.44
N ASP A 75 -25.53 -7.47 -25.27
CA ASP A 75 -26.61 -6.49 -25.26
C ASP A 75 -27.32 -6.45 -23.91
N ASN A 94 -6.80 7.59 -12.79
CA ASN A 94 -8.24 7.32 -12.79
C ASN A 94 -8.81 7.45 -14.19
N PHE A 95 -9.71 6.54 -14.56
CA PHE A 95 -10.26 6.55 -15.90
C PHE A 95 -11.62 5.86 -15.89
N PHE A 96 -12.39 6.08 -16.94
CA PHE A 96 -13.74 5.55 -17.07
C PHE A 96 -13.93 5.02 -18.48
N VAL A 97 -14.92 4.14 -18.64
CA VAL A 97 -15.21 3.49 -19.91
C VAL A 97 -16.68 3.71 -20.23
N ILE A 98 -16.97 4.06 -21.48
CA ILE A 98 -18.33 4.28 -21.97
C ILE A 98 -18.59 3.26 -23.08
N LYS A 99 -19.70 2.54 -22.96
CA LYS A 99 -20.17 1.63 -24.00
C LYS A 99 -21.56 2.06 -24.44
N ALA A 100 -21.74 2.24 -25.74
CA ALA A 100 -23.00 2.75 -26.28
C ALA A 100 -23.98 1.58 -26.43
N LYS A 101 -25.08 1.63 -25.67
CA LYS A 101 -26.11 0.60 -25.78
C LYS A 101 -26.94 0.77 -27.04
N GLU A 102 -27.16 2.01 -27.47
CA GLU A 102 -27.94 2.31 -28.66
C GLU A 102 -27.35 3.52 -29.34
N ASN A 103 -27.94 3.88 -30.48
CA ASN A 103 -27.48 5.05 -31.22
C ASN A 103 -27.89 6.34 -30.51
N GLY A 104 -27.16 7.40 -30.79
CA GLY A 104 -27.43 8.70 -30.20
C GLY A 104 -26.69 9.00 -28.92
N VAL A 105 -25.69 8.20 -28.57
CA VAL A 105 -24.91 8.42 -27.35
C VAL A 105 -23.91 9.54 -27.60
N ASN A 106 -23.89 10.53 -26.71
CA ASN A 106 -22.98 11.65 -26.81
C ASN A 106 -22.38 11.94 -25.44
N VAL A 107 -21.18 12.52 -25.45
CA VAL A 107 -20.43 12.82 -24.23
C VAL A 107 -19.89 14.23 -24.31
N PHE A 108 -19.92 14.94 -23.19
CA PHE A 108 -19.37 16.29 -23.09
C PHE A 108 -18.41 16.36 -21.92
N GLY A 109 -17.43 17.26 -22.01
CA GLY A 109 -16.41 17.42 -20.99
C GLY A 109 -16.36 18.87 -20.51
N MET A 110 -16.19 19.03 -19.22
CA MET A 110 -16.16 20.34 -18.59
C MET A 110 -14.71 20.78 -18.38
N THR A 111 -14.47 22.07 -18.58
CA THR A 111 -13.13 22.63 -18.46
C THR A 111 -12.76 22.84 -17.00
N ARG A 112 -11.49 22.59 -16.68
CA ARG A 112 -11.02 22.76 -15.32
C ARG A 112 -10.97 24.24 -14.93
N GLY A 113 -11.10 24.50 -13.64
CA GLY A 113 -11.00 25.85 -13.13
C GLY A 113 -12.31 26.62 -13.20
N THR A 114 -12.19 27.94 -13.15
CA THR A 114 -13.34 28.82 -13.15
C THR A 114 -14.11 28.79 -14.47
N ASP A 115 -13.52 28.26 -15.53
CA ASP A 115 -14.19 28.25 -16.83
C ASP A 115 -15.40 27.32 -16.79
N THR A 116 -16.42 27.67 -17.59
CA THR A 116 -17.69 26.94 -17.63
C THR A 116 -18.12 26.62 -19.06
N ARG A 117 -17.17 26.23 -19.91
CA ARG A 117 -17.48 25.86 -21.28
C ARG A 117 -17.89 24.40 -21.35
N PHE A 118 -18.43 24.00 -22.51
CA PHE A 118 -19.00 22.67 -22.72
C PHE A 118 -18.52 22.09 -24.05
N HIS A 119 -17.31 22.46 -24.47
CA HIS A 119 -16.86 22.19 -25.84
C HIS A 119 -16.16 20.83 -25.95
N HIS A 120 -16.98 19.77 -25.93
CA HIS A 120 -16.55 18.44 -26.34
C HIS A 120 -17.77 17.70 -26.85
N SER A 121 -17.68 17.16 -28.06
CA SER A 121 -18.79 16.49 -28.70
C SER A 121 -18.27 15.24 -29.42
N GLU A 122 -18.35 14.10 -28.75
CA GLU A 122 -17.99 12.81 -29.31
C GLU A 122 -19.21 11.91 -29.28
N LYS A 123 -19.71 11.55 -30.46
CA LYS A 123 -20.90 10.71 -30.57
C LYS A 123 -20.48 9.25 -30.75
N LEU A 124 -21.09 8.36 -29.97
CA LEU A 124 -20.79 6.95 -29.99
C LEU A 124 -21.99 6.19 -30.54
N ASP A 125 -21.76 5.43 -31.61
CA ASP A 125 -22.80 4.59 -32.18
C ASP A 125 -22.93 3.29 -31.39
N LYS A 126 -24.03 2.58 -31.62
CA LYS A 126 -24.27 1.33 -30.91
C LYS A 126 -23.12 0.36 -31.15
N GLY A 127 -22.63 -0.24 -30.06
CA GLY A 127 -21.52 -1.16 -30.12
C GLY A 127 -20.15 -0.52 -29.93
N GLU A 128 -20.05 0.80 -30.07
CA GLU A 128 -18.78 1.48 -29.89
C GLU A 128 -18.46 1.64 -28.41
N VAL A 129 -17.17 1.81 -28.13
CA VAL A 129 -16.68 1.95 -26.76
C VAL A 129 -15.69 3.10 -26.72
N MET A 130 -15.65 3.80 -25.57
CA MET A 130 -14.75 4.92 -25.37
C MET A 130 -14.05 4.77 -24.03
N ILE A 131 -12.79 5.20 -23.97
CA ILE A 131 -11.99 5.21 -22.75
C ILE A 131 -11.27 6.54 -22.69
N ALA A 132 -11.24 7.15 -21.50
CA ALA A 132 -10.62 8.46 -21.35
C ALA A 132 -10.09 8.60 -19.93
N GLN A 133 -9.17 9.54 -19.75
CA GLN A 133 -8.57 9.84 -18.47
C GLN A 133 -8.89 11.28 -18.08
N PHE A 134 -8.90 11.54 -16.78
CA PHE A 134 -9.12 12.88 -16.26
C PHE A 134 -7.80 13.64 -16.30
N ALA A 135 -7.70 14.63 -17.17
CA ALA A 135 -6.48 15.39 -17.39
C ALA A 135 -6.63 16.80 -16.81
N GLU A 136 -5.55 17.57 -16.88
CA GLU A 136 -5.56 18.91 -16.35
C GLU A 136 -6.58 19.79 -17.08
N HIS A 137 -6.63 19.68 -18.40
CA HIS A 137 -7.53 20.52 -19.18
C HIS A 137 -8.99 20.18 -18.96
N ALA A 138 -9.29 18.97 -18.48
CA ALA A 138 -10.67 18.55 -18.26
C ALA A 138 -10.69 17.37 -17.29
N SER A 139 -11.45 17.51 -16.21
CA SER A 139 -11.58 16.43 -15.22
C SER A 139 -13.04 16.26 -14.79
N ALA A 140 -13.97 16.50 -15.70
CA ALA A 140 -15.39 16.32 -15.42
C ALA A 140 -16.11 16.11 -16.74
N VAL A 141 -16.97 15.10 -16.79
CA VAL A 141 -17.56 14.62 -18.03
C VAL A 141 -19.08 14.48 -17.86
N LYS A 142 -19.81 14.81 -18.91
CA LYS A 142 -21.25 14.62 -18.99
C LYS A 142 -21.55 13.67 -20.13
N ILE A 143 -22.50 12.77 -19.92
CA ILE A 143 -22.81 11.68 -20.85
C ILE A 143 -24.28 11.75 -21.22
N ARG A 144 -24.58 11.47 -22.49
CA ARG A 144 -25.94 11.48 -23.01
C ARG A 144 -26.28 10.13 -23.61
N GLY A 145 -27.58 9.86 -23.70
CA GLY A 145 -28.05 8.66 -24.35
C GLY A 145 -27.97 7.41 -23.48
N LYS A 146 -28.24 6.28 -24.12
CA LYS A 146 -28.23 4.99 -23.46
C LYS A 146 -26.84 4.38 -23.57
N ALA A 147 -26.18 4.14 -22.44
CA ALA A 147 -24.83 3.62 -22.44
C ALA A 147 -24.57 2.88 -21.14
N ILE A 148 -23.52 2.07 -21.15
CA ILE A 148 -23.06 1.32 -19.97
C ILE A 148 -21.74 1.91 -19.53
N ILE A 149 -21.63 2.21 -18.23
CA ILE A 149 -20.48 2.90 -17.67
C ILE A 149 -19.77 1.96 -16.70
N GLN A 150 -18.45 1.91 -16.80
CA GLN A 150 -17.61 1.12 -15.91
C GLN A 150 -16.70 2.05 -15.11
N THR A 151 -16.63 1.81 -13.81
CA THR A 151 -15.82 2.63 -12.92
C THR A 151 -15.24 1.76 -11.82
N SER A 152 -14.30 2.31 -11.07
CA SER A 152 -13.68 1.57 -9.98
C SER A 152 -14.68 1.17 -8.91
N TYR A 153 -15.82 1.86 -8.83
CA TYR A 153 -16.83 1.52 -7.84
C TYR A 153 -17.72 0.37 -8.30
N GLY A 154 -18.12 0.39 -9.57
CA GLY A 154 -18.97 -0.67 -10.09
C GLY A 154 -19.46 -0.33 -11.48
N THR A 155 -20.36 -1.17 -11.97
CA THR A 155 -20.96 -1.00 -13.29
C THR A 155 -22.30 -0.29 -13.17
N LEU A 156 -22.53 0.67 -14.06
CA LEU A 156 -23.74 1.48 -14.06
C LEU A 156 -24.40 1.42 -15.42
N ASP A 157 -25.72 1.28 -15.43
CA ASP A 157 -26.52 1.27 -16.65
C ASP A 157 -27.44 2.48 -16.64
N THR A 158 -27.42 3.25 -17.73
CA THR A 158 -28.27 4.42 -17.83
C THR A 158 -29.75 4.05 -17.77
N GLU A 159 -30.12 2.91 -18.35
CA GLU A 159 -31.50 2.46 -18.37
C GLU A 159 -31.78 1.54 -17.19
N ASN B 8 15.16 -6.02 3.74
CA ASN B 8 14.56 -6.94 4.69
C ASN B 8 15.63 -7.56 5.59
N PHE B 9 15.20 -8.37 6.55
CA PHE B 9 16.10 -9.02 7.49
C PHE B 9 15.71 -10.48 7.63
N PHE B 10 16.67 -11.29 8.08
CA PHE B 10 16.50 -12.73 8.19
C PHE B 10 16.91 -13.19 9.59
N VAL B 11 16.47 -14.40 9.95
CA VAL B 11 16.71 -14.98 11.26
C VAL B 11 17.35 -16.35 11.07
N ILE B 12 18.37 -16.63 11.87
CA ILE B 12 19.06 -17.93 11.87
C ILE B 12 18.97 -18.51 13.27
N LYS B 13 18.56 -19.77 13.35
CA LYS B 13 18.57 -20.53 14.60
C LYS B 13 19.41 -21.78 14.39
N ALA B 14 20.29 -22.06 15.35
CA ALA B 14 21.24 -23.16 15.26
C ALA B 14 20.66 -24.39 15.96
N LYS B 15 20.56 -25.49 15.22
CA LYS B 15 20.14 -26.77 15.76
C LYS B 15 21.29 -27.60 16.30
N GLU B 16 22.53 -27.14 16.14
CA GLU B 16 23.69 -27.87 16.63
C GLU B 16 24.84 -26.89 16.78
N ASN B 17 25.94 -27.38 17.35
CA ASN B 17 27.17 -26.61 17.39
C ASN B 17 27.92 -26.77 16.07
N GLY B 18 28.74 -25.77 15.75
CA GLY B 18 29.47 -25.78 14.49
C GLY B 18 28.80 -25.02 13.36
N VAL B 19 27.67 -24.37 13.62
CA VAL B 19 26.99 -23.60 12.57
C VAL B 19 27.74 -22.30 12.36
N ASN B 20 28.06 -22.00 11.10
CA ASN B 20 28.82 -20.82 10.74
C ASN B 20 28.07 -20.02 9.69
N VAL B 21 28.23 -18.70 9.76
CA VAL B 21 27.60 -17.76 8.83
C VAL B 21 28.68 -16.83 8.29
N PHE B 22 28.57 -16.49 7.00
CA PHE B 22 29.55 -15.65 6.33
C PHE B 22 28.85 -14.45 5.70
N GLY B 23 29.55 -13.32 5.69
CA GLY B 23 29.05 -12.09 5.07
C GLY B 23 29.91 -11.72 3.87
N MET B 24 29.24 -11.53 2.73
CA MET B 24 29.91 -11.20 1.49
C MET B 24 29.67 -9.74 1.14
N THR B 25 30.71 -9.09 0.63
CA THR B 25 30.68 -7.64 0.43
C THR B 25 29.82 -7.26 -0.77
N ARG B 26 29.18 -6.10 -0.68
CA ARG B 26 28.48 -5.50 -1.80
C ARG B 26 29.48 -4.74 -2.67
N GLY B 27 29.65 -5.19 -3.91
CA GLY B 27 30.59 -4.55 -4.80
C GLY B 27 30.82 -5.40 -6.04
N THR B 28 31.89 -5.06 -6.75
CA THR B 28 32.19 -5.74 -8.01
C THR B 28 32.51 -7.22 -7.79
N ASP B 29 33.26 -7.54 -6.74
CA ASP B 29 33.68 -8.90 -6.46
C ASP B 29 32.86 -9.47 -5.30
N THR B 30 32.70 -10.78 -5.28
CA THR B 30 31.90 -11.47 -4.28
C THR B 30 32.80 -12.45 -3.53
N ARG B 31 33.36 -11.97 -2.42
CA ARG B 31 34.13 -12.81 -1.51
C ARG B 31 33.66 -12.59 -0.08
N PHE B 32 33.89 -13.60 0.76
CA PHE B 32 33.51 -13.56 2.18
C PHE B 32 34.64 -12.90 2.96
N HIS B 33 34.29 -11.89 3.75
CA HIS B 33 35.27 -11.14 4.54
C HIS B 33 35.15 -11.41 6.03
N HIS B 34 33.98 -11.77 6.52
CA HIS B 34 33.75 -12.01 7.94
C HIS B 34 33.04 -13.34 8.13
N SER B 35 33.28 -13.96 9.28
CA SER B 35 32.66 -15.24 9.61
C SER B 35 32.35 -15.26 11.10
N GLU B 36 31.19 -15.79 11.46
CA GLU B 36 30.75 -15.88 12.84
C GLU B 36 30.32 -17.31 13.14
N LYS B 37 30.47 -17.70 14.41
CA LYS B 37 30.17 -19.05 14.86
C LYS B 37 28.98 -19.02 15.81
N LEU B 38 28.06 -19.97 15.61
CA LEU B 38 26.87 -20.11 16.44
C LEU B 38 26.86 -21.46 17.13
N ASP B 39 26.48 -21.46 18.40
CA ASP B 39 26.37 -22.69 19.17
C ASP B 39 24.93 -23.23 19.09
N LYS B 40 24.77 -24.49 19.51
CA LYS B 40 23.45 -25.11 19.47
C LYS B 40 22.46 -24.32 20.32
N GLY B 41 21.31 -24.03 19.73
CA GLY B 41 20.27 -23.29 20.43
C GLY B 41 20.36 -21.79 20.36
N GLU B 42 21.43 -21.26 19.76
CA GLU B 42 21.56 -19.81 19.62
C GLU B 42 20.79 -19.33 18.39
N VAL B 43 20.46 -18.03 18.40
CA VAL B 43 19.69 -17.41 17.33
C VAL B 43 20.35 -16.09 16.96
N MET B 44 20.37 -15.78 15.67
CA MET B 44 20.96 -14.55 15.15
C MET B 44 19.98 -13.87 14.22
N ILE B 45 19.96 -12.53 14.30
CA ILE B 45 19.13 -11.70 13.44
C ILE B 45 20.01 -10.64 12.81
N ALA B 46 19.94 -10.50 11.49
CA ALA B 46 20.77 -9.56 10.77
C ALA B 46 19.99 -8.98 9.60
N GLN B 47 20.37 -7.77 9.19
CA GLN B 47 19.76 -7.08 8.07
C GLN B 47 20.81 -6.76 7.01
N PHE B 48 20.37 -6.76 5.75
CA PHE B 48 21.26 -6.40 4.66
C PHE B 48 21.61 -4.92 4.74
N THR B 49 22.89 -4.60 4.59
CA THR B 49 23.39 -3.24 4.71
C THR B 49 24.18 -2.86 3.47
N GLU B 50 24.75 -1.66 3.50
CA GLU B 50 25.53 -1.18 2.37
C GLU B 50 26.74 -2.07 2.11
N HIS B 51 27.44 -2.48 3.18
CA HIS B 51 28.62 -3.31 3.02
C HIS B 51 28.27 -4.71 2.51
N THR B 52 27.24 -5.33 3.08
CA THR B 52 26.92 -6.72 2.82
C THR B 52 25.64 -6.83 2.00
N SER B 53 25.66 -7.70 0.99
CA SER B 53 24.50 -7.96 0.15
C SER B 53 24.12 -9.43 0.09
N ALA B 54 24.92 -10.32 0.65
CA ALA B 54 24.62 -11.75 0.60
C ALA B 54 25.35 -12.44 1.76
N VAL B 55 24.87 -13.65 2.07
CA VAL B 55 25.43 -14.45 3.17
C VAL B 55 25.43 -15.92 2.75
N LYS B 56 26.19 -16.71 3.49
CA LYS B 56 26.26 -18.16 3.30
C LYS B 56 26.09 -18.85 4.64
N ILE B 57 25.42 -20.00 4.63
CA ILE B 57 25.10 -20.73 5.85
C ILE B 57 25.47 -22.20 5.63
N ARG B 58 26.11 -22.79 6.64
CA ARG B 58 26.47 -24.20 6.62
C ARG B 58 26.14 -24.83 7.97
N GLY B 59 25.67 -26.07 7.93
CA GLY B 59 25.34 -26.81 9.13
C GLY B 59 23.84 -26.88 9.36
N LYS B 60 23.46 -27.64 10.38
CA LYS B 60 22.07 -27.79 10.75
C LYS B 60 21.57 -26.51 11.41
N ALA B 61 20.60 -25.85 10.76
CA ALA B 61 20.07 -24.60 11.28
C ALA B 61 18.68 -24.38 10.71
N ILE B 62 17.95 -23.45 11.33
CA ILE B 62 16.61 -23.07 10.92
C ILE B 62 16.64 -21.62 10.46
N ILE B 63 16.09 -21.36 9.28
CA ILE B 63 16.10 -20.04 8.68
C ILE B 63 14.66 -19.61 8.43
N GLN B 64 14.33 -18.39 8.85
CA GLN B 64 13.00 -17.82 8.65
C GLN B 64 13.10 -16.62 7.72
N THR B 65 12.23 -16.57 6.73
CA THR B 65 12.20 -15.48 5.77
C THR B 65 10.75 -15.20 5.39
N SER B 66 10.54 -14.05 4.75
CA SER B 66 9.20 -13.69 4.30
C SER B 66 8.61 -14.76 3.40
N TYR B 67 9.46 -15.42 2.59
CA TYR B 67 8.97 -16.50 1.75
C TYR B 67 8.51 -17.69 2.57
N GLY B 68 9.13 -17.91 3.72
CA GLY B 68 8.76 -18.99 4.60
C GLY B 68 9.92 -19.37 5.50
N THR B 69 9.73 -20.46 6.23
CA THR B 69 10.76 -20.99 7.12
C THR B 69 11.42 -22.19 6.47
N LEU B 70 12.75 -22.21 6.47
CA LEU B 70 13.53 -23.25 5.80
C LEU B 70 14.45 -23.92 6.82
N ASP B 71 14.53 -25.23 6.74
CA ASP B 71 15.43 -26.03 7.55
C ASP B 71 16.38 -26.83 6.67
N THR B 72 17.65 -26.84 7.05
CA THR B 72 18.67 -27.51 6.22
C THR B 72 18.60 -29.03 6.36
N GLU B 73 18.10 -29.54 7.49
CA GLU B 73 18.08 -30.98 7.70
C GLU B 73 17.09 -31.66 6.78
N LYS B 74 16.01 -30.97 6.39
CA LYS B 74 15.01 -31.57 5.52
C LYS B 74 15.63 -31.99 4.19
N ASP B 75 15.22 -33.15 3.71
CA ASP B 75 15.72 -33.67 2.44
C ASP B 75 14.59 -33.82 1.43
N ASN B 94 14.32 -6.94 -3.04
CA ASN B 94 14.10 -8.28 -3.60
C ASN B 94 15.31 -9.16 -3.34
N PHE B 95 15.06 -10.42 -3.00
CA PHE B 95 16.14 -11.34 -2.67
C PHE B 95 15.67 -12.76 -2.91
N PHE B 96 16.63 -13.68 -2.98
CA PHE B 96 16.38 -15.08 -3.24
C PHE B 96 17.23 -15.93 -2.30
N VAL B 97 16.82 -17.18 -2.12
CA VAL B 97 17.49 -18.12 -1.23
C VAL B 97 17.80 -19.39 -2.01
N ILE B 98 19.02 -19.89 -1.84
CA ILE B 98 19.47 -21.13 -2.47
C ILE B 98 19.81 -22.13 -1.38
N LYS B 99 19.25 -23.33 -1.49
CA LYS B 99 19.57 -24.44 -0.60
C LYS B 99 20.10 -25.60 -1.44
N ALA B 100 21.27 -26.11 -1.06
CA ALA B 100 21.93 -27.15 -1.83
C ALA B 100 21.36 -28.52 -1.45
N LYS B 101 20.70 -29.17 -2.40
CA LYS B 101 20.16 -30.51 -2.16
C LYS B 101 21.26 -31.56 -2.14
N GLU B 102 22.29 -31.38 -2.95
CA GLU B 102 23.41 -32.32 -3.02
C GLU B 102 24.69 -31.55 -3.27
N ASN B 103 25.81 -32.27 -3.31
CA ASN B 103 27.09 -31.64 -3.56
C ASN B 103 27.21 -31.24 -5.03
N GLY B 104 28.09 -30.27 -5.29
CA GLY B 104 28.31 -29.78 -6.63
C GLY B 104 27.46 -28.60 -7.05
N VAL B 105 26.77 -27.96 -6.10
CA VAL B 105 25.93 -26.81 -6.43
C VAL B 105 26.80 -25.58 -6.59
N ASN B 106 26.64 -24.87 -7.70
CA ASN B 106 27.39 -23.66 -7.98
C ASN B 106 26.45 -22.59 -8.50
N VAL B 107 26.84 -21.33 -8.29
CA VAL B 107 26.04 -20.18 -8.67
C VAL B 107 26.94 -19.16 -9.35
N PHE B 108 26.41 -18.52 -10.40
CA PHE B 108 27.11 -17.47 -11.13
C PHE B 108 26.23 -16.23 -11.21
N GLY B 109 26.86 -15.07 -11.30
CA GLY B 109 26.17 -13.79 -11.35
C GLY B 109 26.59 -13.01 -12.59
N MET B 110 25.60 -12.37 -13.21
CA MET B 110 25.84 -11.60 -14.43
C MET B 110 25.98 -10.12 -14.09
N THR B 111 26.89 -9.45 -14.79
CA THR B 111 27.16 -8.04 -14.54
C THR B 111 26.10 -7.16 -15.17
N ARG B 112 25.76 -6.08 -14.48
CA ARG B 112 24.75 -5.15 -14.97
C ARG B 112 25.27 -4.39 -16.19
N GLY B 113 24.34 -3.96 -17.04
CA GLY B 113 24.68 -3.16 -18.20
C GLY B 113 25.11 -3.99 -19.39
N THR B 114 25.82 -3.32 -20.30
CA THR B 114 26.26 -3.95 -21.54
C THR B 114 27.29 -5.04 -21.32
N ASP B 115 27.90 -5.11 -20.13
CA ASP B 115 28.93 -6.10 -19.88
C ASP B 115 28.33 -7.50 -19.87
N THR B 116 29.12 -8.49 -20.28
CA THR B 116 28.68 -9.88 -20.41
C THR B 116 29.67 -10.85 -19.75
N ARG B 117 30.20 -10.48 -18.58
CA ARG B 117 31.10 -11.35 -17.84
C ARG B 117 30.32 -12.33 -16.98
N PHE B 118 31.02 -13.32 -16.44
CA PHE B 118 30.42 -14.42 -15.68
C PHE B 118 31.21 -14.68 -14.41
N HIS B 119 31.82 -13.65 -13.84
CA HIS B 119 32.82 -13.82 -12.78
C HIS B 119 32.18 -13.83 -11.40
N HIS B 120 31.53 -14.95 -11.08
CA HIS B 120 31.14 -15.26 -9.71
C HIS B 120 31.09 -16.77 -9.58
N SER B 121 31.79 -17.32 -8.58
CA SER B 121 31.88 -18.75 -8.39
C SER B 121 31.80 -19.05 -6.90
N GLU B 122 30.59 -19.37 -6.43
CA GLU B 122 30.35 -19.77 -5.05
C GLU B 122 29.76 -21.17 -5.06
N LYS B 123 30.50 -22.13 -4.51
CA LYS B 123 30.06 -23.52 -4.48
C LYS B 123 29.42 -23.82 -3.14
N LEU B 124 28.24 -24.44 -3.18
CA LEU B 124 27.48 -24.77 -1.99
C LEU B 124 27.45 -26.28 -1.82
N ASP B 125 27.91 -26.76 -0.66
CA ASP B 125 27.85 -28.18 -0.35
C ASP B 125 26.47 -28.55 0.16
N LYS B 126 26.20 -29.86 0.20
CA LYS B 126 24.90 -30.34 0.64
C LYS B 126 24.60 -29.84 2.05
N GLY B 127 23.40 -29.31 2.24
CA GLY B 127 22.98 -28.75 3.50
C GLY B 127 23.25 -27.27 3.67
N GLU B 128 24.12 -26.69 2.84
CA GLU B 128 24.41 -25.27 2.94
C GLU B 128 23.29 -24.44 2.32
N VAL B 129 23.21 -23.18 2.73
CA VAL B 129 22.20 -22.25 2.26
C VAL B 129 22.85 -20.93 1.93
N MET B 130 22.31 -20.23 0.92
CA MET B 130 22.82 -18.94 0.50
C MET B 130 21.66 -17.96 0.35
N ILE B 131 21.92 -16.70 0.68
CA ILE B 131 20.96 -15.62 0.54
C ILE B 131 21.69 -14.44 -0.06
N ALA B 132 21.05 -13.78 -1.04
CA ALA B 132 21.69 -12.65 -1.72
C ALA B 132 20.62 -11.68 -2.21
N GLN B 133 21.06 -10.45 -2.48
CA GLN B 133 20.20 -9.40 -2.97
C GLN B 133 20.68 -8.95 -4.35
N PHE B 134 19.74 -8.42 -5.14
CA PHE B 134 20.07 -7.90 -6.46
C PHE B 134 20.58 -6.47 -6.29
N ALA B 135 21.87 -6.27 -6.55
CA ALA B 135 22.52 -4.99 -6.36
C ALA B 135 22.83 -4.36 -7.71
N GLU B 136 23.39 -3.14 -7.66
CA GLU B 136 23.71 -2.42 -8.89
C GLU B 136 24.75 -3.17 -9.71
N HIS B 137 25.78 -3.70 -9.05
CA HIS B 137 26.85 -4.38 -9.76
C HIS B 137 26.40 -5.69 -10.39
N ALA B 138 25.32 -6.29 -9.90
CA ALA B 138 24.82 -7.55 -10.42
C ALA B 138 23.37 -7.73 -10.02
N SER B 139 22.50 -7.96 -11.02
CA SER B 139 21.08 -8.19 -10.77
C SER B 139 20.56 -9.36 -11.60
N ALA B 140 21.40 -10.36 -11.85
CA ALA B 140 21.00 -11.55 -12.60
C ALA B 140 21.94 -12.68 -12.21
N VAL B 141 21.36 -13.84 -11.91
CA VAL B 141 22.09 -14.95 -11.31
C VAL B 141 21.79 -16.23 -12.08
N LYS B 142 22.81 -17.07 -12.22
CA LYS B 142 22.69 -18.40 -12.80
C LYS B 142 23.09 -19.43 -11.75
N ILE B 143 22.35 -20.53 -11.69
CA ILE B 143 22.50 -21.54 -10.65
C ILE B 143 22.78 -22.89 -11.30
N ARG B 144 23.64 -23.68 -10.67
CA ARG B 144 24.03 -25.00 -11.15
C ARG B 144 23.74 -26.05 -10.08
N GLY B 145 23.58 -27.29 -10.53
CA GLY B 145 23.44 -28.40 -9.61
C GLY B 145 22.02 -28.54 -9.08
N LYS B 146 21.90 -29.45 -8.11
CA LYS B 146 20.61 -29.75 -7.48
C LYS B 146 20.44 -28.85 -6.26
N ALA B 147 19.40 -28.02 -6.26
CA ALA B 147 19.17 -27.08 -5.19
C ALA B 147 17.69 -26.74 -5.11
N ILE B 148 17.29 -26.18 -3.98
CA ILE B 148 15.94 -25.71 -3.74
C ILE B 148 15.96 -24.20 -3.68
N ILE B 149 15.07 -23.56 -4.43
CA ILE B 149 15.04 -22.11 -4.58
C ILE B 149 13.75 -21.58 -3.98
N GLN B 150 13.87 -20.50 -3.20
CA GLN B 150 12.73 -19.82 -2.61
C GLN B 150 12.64 -18.40 -3.17
N THR B 151 11.43 -18.00 -3.56
CA THR B 151 11.20 -16.68 -4.14
C THR B 151 9.83 -16.20 -3.71
N SER B 152 9.57 -14.90 -3.97
CA SER B 152 8.28 -14.33 -3.61
C SER B 152 7.12 -15.00 -4.33
N TYR B 153 7.40 -15.65 -5.47
CA TYR B 153 6.34 -16.33 -6.21
C TYR B 153 6.03 -17.71 -5.63
N GLY B 154 7.06 -18.46 -5.27
CA GLY B 154 6.86 -19.78 -4.72
C GLY B 154 8.17 -20.51 -4.57
N THR B 155 8.06 -21.79 -4.23
CA THR B 155 9.22 -22.67 -4.05
C THR B 155 9.45 -23.48 -5.32
N LEU B 156 10.72 -23.57 -5.72
CA LEU B 156 11.10 -24.28 -6.94
C LEU B 156 12.17 -25.31 -6.60
N ASP B 157 12.03 -26.50 -7.19
CA ASP B 157 12.99 -27.58 -7.05
C ASP B 157 13.62 -27.86 -8.40
N THR B 158 14.95 -27.89 -8.44
CA THR B 158 15.65 -28.16 -9.69
C THR B 158 15.33 -29.56 -10.22
N GLU B 159 15.15 -30.53 -9.32
CA GLU B 159 14.84 -31.90 -9.72
C GLU B 159 13.33 -32.12 -9.74
N ASN C 8 10.34 -5.67 -11.80
CA ASN C 8 10.16 -7.03 -11.31
C ASN C 8 11.22 -7.96 -11.90
N PHE C 9 11.21 -9.21 -11.46
CA PHE C 9 12.16 -10.21 -11.93
C PHE C 9 11.43 -11.50 -12.26
N PHE C 10 12.05 -12.31 -13.11
CA PHE C 10 11.46 -13.55 -13.59
C PHE C 10 12.44 -14.71 -13.38
N VAL C 11 11.90 -15.92 -13.44
CA VAL C 11 12.65 -17.15 -13.21
C VAL C 11 12.45 -18.08 -14.40
N ILE C 12 13.55 -18.69 -14.86
CA ILE C 12 13.52 -19.65 -15.95
C ILE C 12 14.11 -20.97 -15.44
N LYS C 13 13.40 -22.06 -15.68
CA LYS C 13 13.88 -23.40 -15.41
C LYS C 13 13.87 -24.21 -16.69
N ALA C 14 14.95 -24.92 -16.96
CA ALA C 14 15.14 -25.66 -18.20
C ALA C 14 14.70 -27.10 -18.01
N LYS C 15 13.76 -27.56 -18.83
CA LYS C 15 13.32 -28.94 -18.83
C LYS C 15 14.12 -29.82 -19.77
N GLU C 16 15.06 -29.24 -20.53
CA GLU C 16 15.88 -30.01 -21.45
C GLU C 16 17.14 -29.21 -21.75
N ASN C 17 18.06 -29.84 -22.47
CA ASN C 17 19.22 -29.13 -22.98
C ASN C 17 18.87 -28.41 -24.28
N GLY C 18 19.60 -27.34 -24.57
CA GLY C 18 19.33 -26.54 -25.73
C GLY C 18 18.46 -25.33 -25.49
N VAL C 19 18.08 -25.06 -24.24
CA VAL C 19 17.27 -23.89 -23.93
C VAL C 19 18.14 -22.65 -23.98
N ASN C 20 17.69 -21.63 -24.71
CA ASN C 20 18.45 -20.41 -24.91
C ASN C 20 17.60 -19.21 -24.52
N VAL C 21 18.25 -18.18 -23.99
CA VAL C 21 17.59 -16.94 -23.60
C VAL C 21 18.35 -15.77 -24.21
N PHE C 22 17.61 -14.75 -24.64
CA PHE C 22 18.18 -13.58 -25.30
C PHE C 22 17.78 -12.32 -24.56
N GLY C 23 18.68 -11.34 -24.55
CA GLY C 23 18.42 -10.05 -23.94
C GLY C 23 18.41 -8.95 -24.99
N MET C 24 17.31 -8.20 -25.02
CA MET C 24 17.13 -7.13 -25.98
C MET C 24 17.30 -5.78 -25.31
N THR C 25 17.95 -4.85 -26.01
CA THR C 25 18.35 -3.59 -25.43
C THR C 25 17.17 -2.64 -25.25
N ARG C 26 17.23 -1.82 -24.20
CA ARG C 26 16.28 -0.74 -23.99
C ARG C 26 16.73 0.47 -24.81
N GLY C 27 15.90 0.85 -25.77
CA GLY C 27 16.23 1.98 -26.63
C GLY C 27 15.31 2.07 -27.82
N THR C 28 15.73 2.86 -28.80
CA THR C 28 14.91 3.09 -29.98
C THR C 28 14.69 1.80 -30.78
N ASP C 29 15.74 0.99 -30.92
CA ASP C 29 15.68 -0.23 -31.72
C ASP C 29 15.62 -1.43 -30.80
N THR C 30 15.03 -2.51 -31.29
CA THR C 30 14.83 -3.74 -30.52
C THR C 30 15.55 -4.88 -31.23
N ARG C 31 16.80 -5.11 -30.85
CA ARG C 31 17.57 -6.24 -31.32
C ARG C 31 18.22 -6.96 -30.13
N PHE C 32 18.52 -8.24 -30.34
CA PHE C 32 19.14 -9.08 -29.32
C PHE C 32 20.65 -8.91 -29.42
N HIS C 33 21.29 -8.62 -28.28
CA HIS C 33 22.72 -8.39 -28.24
C HIS C 33 23.47 -9.51 -27.51
N HIS C 34 22.82 -10.20 -26.58
CA HIS C 34 23.45 -11.24 -25.79
C HIS C 34 22.58 -12.49 -25.80
N SER C 35 23.22 -13.64 -25.68
CA SER C 35 22.52 -14.92 -25.65
C SER C 35 23.22 -15.85 -24.67
N GLU C 36 22.43 -16.60 -23.90
CA GLU C 36 22.95 -17.53 -22.92
C GLU C 36 22.30 -18.89 -23.11
N LYS C 37 23.04 -19.93 -22.75
CA LYS C 37 22.59 -21.31 -22.93
C LYS C 37 22.37 -21.96 -21.57
N LEU C 38 21.26 -22.69 -21.44
CA LEU C 38 20.90 -23.39 -20.22
C LEU C 38 20.81 -24.89 -20.50
N ASP C 39 21.32 -25.68 -19.56
CA ASP C 39 21.25 -27.14 -19.66
C ASP C 39 20.02 -27.65 -18.92
N LYS C 40 19.69 -28.91 -19.17
CA LYS C 40 18.52 -29.51 -18.53
C LYS C 40 18.66 -29.47 -17.02
N GLY C 41 17.62 -28.99 -16.35
CA GLY C 41 17.61 -28.92 -14.90
C GLY C 41 18.20 -27.66 -14.31
N GLU C 42 18.77 -26.78 -15.13
CA GLU C 42 19.32 -25.54 -14.63
C GLU C 42 18.22 -24.49 -14.48
N VAL C 43 18.49 -23.50 -13.64
CA VAL C 43 17.53 -22.43 -13.35
C VAL C 43 18.26 -21.09 -13.39
N MET C 44 17.59 -20.08 -13.94
CA MET C 44 18.15 -18.73 -14.06
C MET C 44 17.16 -17.72 -13.51
N ILE C 45 17.69 -16.70 -12.84
CA ILE C 45 16.90 -15.61 -12.29
C ILE C 45 17.54 -14.30 -12.77
N ALA C 46 16.72 -13.42 -13.33
CA ALA C 46 17.19 -12.15 -13.85
C ALA C 46 16.15 -11.07 -13.63
N GLN C 47 16.63 -9.82 -13.56
CA GLN C 47 15.77 -8.66 -13.36
C GLN C 47 15.96 -7.68 -14.52
N PHE C 48 14.89 -6.97 -14.85
CA PHE C 48 14.96 -5.96 -15.90
C PHE C 48 15.80 -4.79 -15.41
N THR C 49 16.72 -4.33 -16.26
CA THR C 49 17.66 -3.28 -15.92
C THR C 49 17.57 -2.16 -16.96
N GLU C 50 18.44 -1.16 -16.79
CA GLU C 50 18.47 -0.04 -17.72
C GLU C 50 18.80 -0.49 -19.14
N HIS C 51 19.78 -1.38 -19.28
CA HIS C 51 20.19 -1.84 -20.60
C HIS C 51 19.10 -2.69 -21.26
N THR C 52 18.50 -3.61 -20.51
CA THR C 52 17.60 -4.61 -21.06
C THR C 52 16.17 -4.32 -20.61
N SER C 53 15.23 -4.42 -21.55
CA SER C 53 13.82 -4.24 -21.27
C SER C 53 12.95 -5.41 -21.71
N ALA C 54 13.52 -6.39 -22.42
CA ALA C 54 12.74 -7.53 -22.89
C ALA C 54 13.68 -8.70 -23.14
N VAL C 55 13.09 -9.90 -23.19
CA VAL C 55 13.85 -11.13 -23.41
C VAL C 55 13.04 -12.05 -24.29
N LYS C 56 13.72 -13.06 -24.84
CA LYS C 56 13.09 -14.09 -25.66
C LYS C 56 13.55 -15.45 -25.17
N ILE C 57 12.65 -16.43 -25.22
CA ILE C 57 12.89 -17.78 -24.71
C ILE C 57 12.47 -18.78 -25.76
N ARG C 58 13.30 -19.80 -25.99
CA ARG C 58 13.00 -20.88 -26.91
C ARG C 58 13.37 -22.21 -26.27
N GLY C 59 12.55 -23.22 -26.52
CA GLY C 59 12.78 -24.55 -26.01
C GLY C 59 11.85 -24.88 -24.85
N LYS C 60 11.96 -26.14 -24.40
CA LYS C 60 11.16 -26.61 -23.28
C LYS C 60 11.70 -26.01 -21.98
N ALA C 61 10.89 -25.21 -21.31
CA ALA C 61 11.33 -24.55 -20.08
C ALA C 61 10.10 -24.17 -19.26
N ILE C 62 10.34 -23.85 -18.00
CA ILE C 62 9.30 -23.44 -17.07
C ILE C 62 9.59 -22.00 -16.65
N ILE C 63 8.58 -21.14 -16.75
CA ILE C 63 8.71 -19.72 -16.45
C ILE C 63 7.73 -19.36 -15.34
N GLN C 64 8.23 -18.67 -14.31
CA GLN C 64 7.41 -18.22 -13.20
C GLN C 64 7.37 -16.70 -13.19
N THR C 65 6.16 -16.15 -13.05
CA THR C 65 5.96 -14.71 -13.02
C THR C 65 4.84 -14.40 -12.05
N SER C 66 4.74 -13.12 -11.68
CA SER C 66 3.67 -12.69 -10.79
C SER C 66 2.30 -13.06 -11.33
N TYR C 67 2.14 -13.03 -12.66
CA TYR C 67 0.86 -13.43 -13.25
C TYR C 67 0.61 -14.92 -13.04
N GLY C 68 1.67 -15.72 -13.00
CA GLY C 68 1.54 -17.15 -12.78
C GLY C 68 2.75 -17.86 -13.32
N THR C 69 2.66 -19.20 -13.33
CA THR C 69 3.71 -20.06 -13.85
C THR C 69 3.31 -20.57 -15.22
N LEU C 70 4.22 -20.46 -16.18
CA LEU C 70 3.96 -20.82 -17.57
C LEU C 70 4.96 -21.87 -18.02
N ASP C 71 4.45 -22.87 -18.74
CA ASP C 71 5.28 -23.92 -19.33
C ASP C 71 5.08 -23.94 -20.84
N THR C 72 6.20 -24.05 -21.58
CA THR C 72 6.12 -24.01 -23.03
C THR C 72 5.60 -25.31 -23.62
N GLU C 73 5.75 -26.43 -22.92
CA GLU C 73 5.32 -27.71 -23.47
C GLU C 73 3.80 -27.81 -23.55
N LYS C 74 3.09 -27.12 -22.65
CA LYS C 74 1.63 -27.18 -22.65
C LYS C 74 1.08 -26.66 -23.98
N ASP C 75 0.05 -27.34 -24.48
CA ASP C 75 -0.58 -26.96 -25.74
C ASP C 75 -2.04 -26.58 -25.51
N ASN C 94 5.22 -2.46 -15.12
CA ASN C 94 4.22 -3.22 -15.87
C ASN C 94 4.87 -3.97 -17.02
N PHE C 95 4.43 -5.20 -17.25
CA PHE C 95 5.03 -6.03 -18.29
C PHE C 95 4.01 -7.08 -18.73
N PHE C 96 4.29 -7.68 -19.88
CA PHE C 96 3.42 -8.68 -20.49
C PHE C 96 4.26 -9.82 -21.02
N VAL C 97 3.62 -10.97 -21.20
CA VAL C 97 4.28 -12.19 -21.66
C VAL C 97 3.53 -12.71 -22.88
N ILE C 98 4.28 -13.10 -23.91
CA ILE C 98 3.73 -13.67 -25.13
C ILE C 98 4.25 -15.09 -25.28
N LYS C 99 3.35 -16.04 -25.50
CA LYS C 99 3.70 -17.42 -25.78
C LYS C 99 3.11 -17.80 -27.13
N ALA C 100 3.95 -18.32 -28.02
CA ALA C 100 3.53 -18.65 -29.37
C ALA C 100 2.86 -20.02 -29.39
N LYS C 101 1.57 -20.03 -29.72
CA LYS C 101 0.84 -21.30 -29.83
C LYS C 101 1.20 -22.05 -31.10
N GLU C 102 1.49 -21.33 -32.19
CA GLU C 102 1.85 -21.95 -33.45
C GLU C 102 2.87 -21.06 -34.15
N ASN C 103 3.34 -21.51 -35.30
CA ASN C 103 4.31 -20.74 -36.07
C ASN C 103 3.64 -19.53 -36.72
N GLY C 104 4.45 -18.52 -37.03
CA GLY C 104 3.96 -17.32 -37.66
C GLY C 104 3.57 -16.20 -36.71
N VAL C 105 3.91 -16.31 -35.43
CA VAL C 105 3.57 -15.28 -34.46
C VAL C 105 4.55 -14.12 -34.60
N ASN C 106 4.01 -12.91 -34.73
CA ASN C 106 4.82 -11.70 -34.85
C ASN C 106 4.26 -10.62 -33.93
N VAL C 107 5.13 -9.70 -33.53
CA VAL C 107 4.77 -8.63 -32.61
C VAL C 107 5.36 -7.32 -33.13
N PHE C 108 4.59 -6.25 -33.00
CA PHE C 108 5.03 -4.91 -33.39
C PHE C 108 4.84 -3.95 -32.23
N GLY C 109 5.66 -2.90 -32.19
CA GLY C 109 5.63 -1.93 -31.12
C GLY C 109 5.46 -0.52 -31.70
N MET C 110 4.64 0.27 -31.01
CA MET C 110 4.34 1.63 -31.45
C MET C 110 5.21 2.62 -30.68
N THR C 111 5.66 3.66 -31.39
CA THR C 111 6.53 4.65 -30.80
C THR C 111 5.74 5.64 -29.95
N ARG C 112 6.35 6.06 -28.84
CA ARG C 112 5.70 7.01 -27.94
C ARG C 112 5.60 8.39 -28.59
N GLY C 113 4.59 9.15 -28.16
CA GLY C 113 4.43 10.50 -28.63
C GLY C 113 3.67 10.60 -29.94
N THR C 114 3.84 11.74 -30.60
CA THR C 114 3.15 12.01 -31.86
C THR C 114 3.58 11.09 -32.99
N ASP C 115 4.70 10.40 -32.85
CA ASP C 115 5.18 9.54 -33.93
C ASP C 115 4.25 8.36 -34.13
N THR C 116 4.16 7.89 -35.38
CA THR C 116 3.25 6.81 -35.78
C THR C 116 3.98 5.73 -36.59
N ARG C 117 5.20 5.39 -36.20
CA ARG C 117 5.95 4.33 -36.88
C ARG C 117 5.58 2.96 -36.31
N PHE C 118 6.01 1.92 -37.02
CA PHE C 118 5.65 0.54 -36.71
C PHE C 118 6.88 -0.36 -36.74
N HIS C 119 8.05 0.19 -36.40
CA HIS C 119 9.32 -0.49 -36.66
C HIS C 119 9.74 -1.37 -35.48
N HIS C 120 9.06 -2.52 -35.37
CA HIS C 120 9.52 -3.61 -34.52
C HIS C 120 8.99 -4.90 -35.12
N SER C 121 9.88 -5.87 -35.36
CA SER C 121 9.52 -7.13 -36.00
C SER C 121 10.26 -8.26 -35.32
N GLU C 122 9.61 -8.89 -34.35
CA GLU C 122 10.14 -10.06 -33.66
C GLU C 122 9.20 -11.23 -33.88
N LYS C 123 9.67 -12.25 -34.59
CA LYS C 123 8.87 -13.42 -34.90
C LYS C 123 9.14 -14.52 -33.88
N LEU C 124 8.07 -15.10 -33.35
CA LEU C 124 8.15 -16.14 -32.33
C LEU C 124 7.66 -17.45 -32.93
N ASP C 125 8.52 -18.47 -32.89
CA ASP C 125 8.14 -19.80 -33.34
C ASP C 125 7.35 -20.53 -32.26
N LYS C 126 6.70 -21.62 -32.65
CA LYS C 126 5.89 -22.38 -31.71
C LYS C 126 6.75 -22.84 -30.55
N GLY C 127 6.24 -22.64 -29.33
CA GLY C 127 6.94 -22.99 -28.12
C GLY C 127 7.80 -21.88 -27.54
N GLU C 128 8.11 -20.85 -28.32
CA GLU C 128 8.91 -19.74 -27.82
C GLU C 128 8.06 -18.81 -26.96
N VAL C 129 8.75 -18.06 -26.10
CA VAL C 129 8.09 -17.13 -25.18
C VAL C 129 8.85 -15.81 -25.21
N MET C 130 8.12 -14.72 -25.00
CA MET C 130 8.70 -13.37 -24.99
C MET C 130 8.18 -12.62 -23.78
N ILE C 131 9.05 -11.78 -23.21
CA ILE C 131 8.70 -10.92 -22.08
C ILE C 131 9.28 -9.54 -22.37
N ALA C 132 8.50 -8.49 -22.11
CA ALA C 132 8.93 -7.14 -22.40
C ALA C 132 8.27 -6.17 -21.43
N GLN C 133 8.88 -4.99 -21.31
CA GLN C 133 8.37 -3.92 -20.46
C GLN C 133 8.02 -2.71 -21.30
N PHE C 134 7.09 -1.90 -20.79
CA PHE C 134 6.69 -0.67 -21.45
C PHE C 134 7.69 0.42 -21.08
N ALA C 135 8.49 0.85 -22.04
CA ALA C 135 9.56 1.82 -21.83
C ALA C 135 9.17 3.15 -22.45
N GLU C 136 10.04 4.15 -22.26
CA GLU C 136 9.77 5.48 -22.78
C GLU C 136 9.71 5.47 -24.31
N HIS C 137 10.63 4.75 -24.95
CA HIS C 137 10.66 4.73 -26.41
C HIS C 137 9.47 4.01 -27.02
N ALA C 138 8.80 3.14 -26.26
CA ALA C 138 7.65 2.39 -26.76
C ALA C 138 6.82 1.88 -25.59
N SER C 139 5.53 2.21 -25.60
CA SER C 139 4.62 1.74 -24.55
C SER C 139 3.30 1.26 -25.15
N ALA C 140 3.35 0.68 -26.35
CA ALA C 140 2.17 0.14 -26.99
C ALA C 140 2.61 -0.90 -28.00
N VAL C 141 1.96 -2.07 -27.96
CA VAL C 141 2.41 -3.25 -28.70
C VAL C 141 1.24 -3.84 -29.48
N LYS C 142 1.55 -4.34 -30.67
CA LYS C 142 0.61 -5.07 -31.51
C LYS C 142 1.14 -6.47 -31.73
N ILE C 143 0.24 -7.46 -31.68
CA ILE C 143 0.61 -8.87 -31.72
C ILE C 143 -0.12 -9.54 -32.88
N ARG C 144 0.57 -10.47 -33.54
CA ARG C 144 0.03 -11.20 -34.67
C ARG C 144 0.10 -12.70 -34.41
N GLY C 145 -0.75 -13.44 -35.11
CA GLY C 145 -0.72 -14.89 -35.04
C GLY C 145 -1.42 -15.45 -33.82
N LYS C 146 -1.25 -16.76 -33.65
CA LYS C 146 -1.86 -17.49 -32.54
C LYS C 146 -0.87 -17.52 -31.38
N ALA C 147 -1.28 -16.94 -30.24
CA ALA C 147 -0.41 -16.85 -29.08
C ALA C 147 -1.26 -16.76 -27.82
N ILE C 148 -0.62 -17.02 -26.69
CA ILE C 148 -1.23 -16.91 -25.37
C ILE C 148 -0.60 -15.73 -24.66
N ILE C 149 -1.44 -14.86 -24.10
CA ILE C 149 -0.99 -13.61 -23.49
C ILE C 149 -1.31 -13.66 -22.00
N GLN C 150 -0.34 -13.25 -21.19
CA GLN C 150 -0.50 -13.16 -19.74
C GLN C 150 -0.37 -11.71 -19.31
N THR C 151 -1.29 -11.27 -18.45
CA THR C 151 -1.31 -9.89 -17.97
C THR C 151 -1.80 -9.87 -16.53
N SER C 152 -1.65 -8.72 -15.89
CA SER C 152 -2.09 -8.58 -14.50
C SER C 152 -3.60 -8.79 -14.36
N TYR C 153 -4.36 -8.62 -15.44
CA TYR C 153 -5.80 -8.82 -15.38
C TYR C 153 -6.17 -10.29 -15.50
N GLY C 154 -5.53 -11.01 -16.40
CA GLY C 154 -5.82 -12.42 -16.58
C GLY C 154 -5.11 -12.98 -17.80
N THR C 155 -5.47 -14.21 -18.13
CA THR C 155 -4.89 -14.91 -19.28
C THR C 155 -5.82 -14.78 -20.47
N LEU C 156 -5.23 -14.50 -21.65
CA LEU C 156 -5.98 -14.31 -22.87
C LEU C 156 -5.44 -15.23 -23.95
N ASP C 157 -6.35 -15.84 -24.70
CA ASP C 157 -6.01 -16.71 -25.82
C ASP C 157 -6.52 -16.07 -27.11
N THR C 158 -5.64 -15.96 -28.10
CA THR C 158 -6.03 -15.37 -29.37
C THR C 158 -7.11 -16.20 -30.07
N GLU C 159 -7.05 -17.52 -29.92
CA GLU C 159 -8.03 -18.41 -30.54
C GLU C 159 -9.15 -18.71 -29.56
N ASN D 8 7.17 2.63 14.85
CA ASN D 8 5.99 2.10 15.51
C ASN D 8 6.01 2.43 17.00
N PHE D 9 4.94 2.06 17.70
CA PHE D 9 4.81 2.32 19.13
C PHE D 9 4.33 1.06 19.83
N PHE D 10 4.59 0.98 21.12
CA PHE D 10 4.25 -0.18 21.94
C PHE D 10 3.49 0.26 23.18
N VAL D 11 2.82 -0.71 23.80
CA VAL D 11 1.97 -0.48 24.97
C VAL D 11 2.43 -1.42 26.08
N ILE D 12 2.52 -0.89 27.30
CA ILE D 12 2.87 -1.66 28.49
C ILE D 12 1.74 -1.52 29.50
N LYS D 13 1.29 -2.65 30.03
CA LYS D 13 0.33 -2.68 31.12
C LYS D 13 0.94 -3.45 32.29
N ALA D 14 0.81 -2.89 33.49
CA ALA D 14 1.43 -3.45 34.68
C ALA D 14 0.42 -4.34 35.41
N LYS D 15 0.80 -5.59 35.63
CA LYS D 15 -0.01 -6.53 36.39
C LYS D 15 0.31 -6.52 37.88
N GLU D 16 1.31 -5.74 38.30
CA GLU D 16 1.69 -5.65 39.70
C GLU D 16 2.46 -4.35 39.91
N ASN D 17 2.75 -4.07 41.18
CA ASN D 17 3.63 -2.96 41.51
C ASN D 17 5.09 -3.40 41.40
N GLY D 18 5.97 -2.44 41.14
CA GLY D 18 7.37 -2.74 40.96
C GLY D 18 7.80 -2.91 39.52
N VAL D 19 6.91 -2.71 38.56
CA VAL D 19 7.27 -2.84 37.14
C VAL D 19 8.06 -1.59 36.73
N ASN D 20 9.20 -1.82 36.10
CA ASN D 20 10.10 -0.74 35.70
C ASN D 20 10.42 -0.87 34.21
N VAL D 21 10.60 0.28 33.56
CA VAL D 21 10.93 0.35 32.14
C VAL D 21 12.15 1.26 31.99
N PHE D 22 13.02 0.90 31.06
CA PHE D 22 14.26 1.63 30.82
C PHE D 22 14.34 2.04 29.36
N GLY D 23 14.93 3.21 29.11
CA GLY D 23 15.15 3.72 27.77
C GLY D 23 16.63 3.79 27.46
N MET D 24 17.02 3.16 26.36
CA MET D 24 18.41 3.11 25.93
C MET D 24 18.63 4.02 24.73
N THR D 25 19.77 4.71 24.72
CA THR D 25 20.02 5.76 23.76
C THR D 25 20.34 5.19 22.38
N ARG D 26 19.94 5.92 21.35
CA ARG D 26 20.33 5.61 19.97
C ARG D 26 21.71 6.20 19.70
N GLY D 27 22.68 5.34 19.44
CA GLY D 27 24.03 5.80 19.20
C GLY D 27 25.01 4.64 19.20
N THR D 28 26.29 4.98 19.30
CA THR D 28 27.35 3.98 19.24
C THR D 28 27.27 3.02 20.43
N ASP D 29 26.99 3.53 21.63
CA ASP D 29 26.95 2.73 22.84
C ASP D 29 25.51 2.51 23.25
N THR D 30 25.26 1.39 23.95
CA THR D 30 23.94 0.99 24.38
C THR D 30 23.91 0.90 25.90
N ARG D 31 23.53 2.01 26.53
CA ARG D 31 23.32 2.06 27.97
C ARG D 31 21.98 2.71 28.29
N PHE D 32 21.44 2.38 29.46
CA PHE D 32 20.16 2.92 29.91
C PHE D 32 20.43 4.25 30.63
N HIS D 33 19.70 5.28 30.22
CA HIS D 33 19.87 6.61 30.79
C HIS D 33 18.67 7.05 31.64
N HIS D 34 17.48 6.53 31.37
CA HIS D 34 16.29 6.91 32.10
C HIS D 34 15.54 5.66 32.54
N SER D 35 14.81 5.78 33.65
CA SER D 35 14.03 4.68 34.19
C SER D 35 12.74 5.23 34.78
N GLU D 36 11.65 4.52 34.55
CA GLU D 36 10.34 4.92 35.04
C GLU D 36 9.69 3.75 35.77
N LYS D 37 8.84 4.07 36.75
CA LYS D 37 8.19 3.08 37.59
C LYS D 37 6.70 3.08 37.32
N LEU D 38 6.12 1.88 37.21
CA LEU D 38 4.69 1.70 36.98
C LEU D 38 4.07 0.93 38.13
N ASP D 39 2.89 1.36 38.54
CA ASP D 39 2.14 0.68 39.59
C ASP D 39 1.17 -0.32 38.98
N LYS D 40 0.65 -1.20 39.84
CA LYS D 40 -0.27 -2.22 39.38
C LYS D 40 -1.50 -1.58 38.73
N GLY D 41 -1.85 -2.06 37.53
CA GLY D 41 -2.99 -1.55 36.81
C GLY D 41 -2.73 -0.34 35.93
N GLU D 42 -1.54 0.22 35.97
CA GLU D 42 -1.21 1.36 35.12
C GLU D 42 -0.80 0.89 33.73
N VAL D 43 -0.91 1.80 32.77
CA VAL D 43 -0.61 1.51 31.38
C VAL D 43 0.22 2.65 30.82
N MET D 44 1.20 2.31 29.98
CA MET D 44 2.09 3.28 29.36
C MET D 44 2.16 3.04 27.86
N ILE D 45 2.21 4.12 27.09
CA ILE D 45 2.34 4.07 25.65
C ILE D 45 3.50 4.98 25.25
N ALA D 46 4.42 4.45 24.45
CA ALA D 46 5.59 5.19 24.02
C ALA D 46 5.95 4.81 22.59
N GLN D 47 6.63 5.74 21.91
CA GLN D 47 7.07 5.54 20.55
C GLN D 47 8.59 5.72 20.47
N PHE D 48 9.20 4.96 19.55
CA PHE D 48 10.64 5.09 19.34
C PHE D 48 10.94 6.44 18.71
N THR D 49 11.95 7.12 19.24
CA THR D 49 12.33 8.46 18.81
C THR D 49 13.81 8.49 18.44
N GLU D 50 14.28 9.70 18.09
CA GLU D 50 15.68 9.84 17.72
C GLU D 50 16.61 9.49 18.87
N HIS D 51 16.28 9.91 20.09
CA HIS D 51 17.13 9.63 21.24
C HIS D 51 17.13 8.15 21.59
N THR D 52 15.96 7.53 21.60
CA THR D 52 15.80 6.16 22.10
C THR D 52 15.52 5.20 20.94
N SER D 53 16.19 4.05 20.96
CA SER D 53 15.97 3.01 19.96
C SER D 53 15.62 1.66 20.57
N ALA D 54 15.69 1.50 21.88
CA ALA D 54 15.39 0.23 22.52
C ALA D 54 14.99 0.49 23.97
N VAL D 55 14.33 -0.51 24.56
CA VAL D 55 13.85 -0.44 25.94
C VAL D 55 14.01 -1.80 26.58
N LYS D 56 13.93 -1.81 27.92
CA LYS D 56 13.99 -3.03 28.71
C LYS D 56 12.83 -3.02 29.70
N ILE D 57 12.28 -4.20 29.97
CA ILE D 57 11.11 -4.35 30.83
C ILE D 57 11.40 -5.48 31.81
N ARG D 58 11.04 -5.25 33.08
CA ARG D 58 11.17 -6.25 34.13
C ARG D 58 9.92 -6.26 34.97
N GLY D 59 9.51 -7.45 35.40
CA GLY D 59 8.35 -7.63 36.26
C GLY D 59 7.16 -8.15 35.47
N LYS D 60 6.09 -8.42 36.23
CA LYS D 60 4.85 -8.92 35.64
C LYS D 60 4.16 -7.78 34.90
N ALA D 61 4.02 -7.92 33.58
CA ALA D 61 3.40 -6.88 32.78
C ALA D 61 2.86 -7.50 31.49
N ILE D 62 2.01 -6.75 30.80
CA ILE D 62 1.42 -7.15 29.53
C ILE D 62 1.91 -6.19 28.46
N ILE D 63 2.41 -6.73 27.36
CA ILE D 63 2.98 -5.96 26.27
C ILE D 63 2.21 -6.28 24.99
N GLN D 64 1.78 -5.24 24.28
CA GLN D 64 1.08 -5.39 23.02
C GLN D 64 1.93 -4.80 21.89
N THR D 65 2.06 -5.56 20.81
CA THR D 65 2.83 -5.14 19.66
C THR D 65 2.14 -5.65 18.40
N SER D 66 2.57 -5.11 17.25
CA SER D 66 2.01 -5.54 15.98
C SER D 66 2.17 -7.05 15.79
N TYR D 67 3.27 -7.61 16.28
CA TYR D 67 3.46 -9.06 16.19
C TYR D 67 2.43 -9.80 17.04
N GLY D 68 2.00 -9.21 18.14
CA GLY D 68 1.01 -9.82 19.00
C GLY D 68 1.11 -9.25 20.40
N THR D 69 0.37 -9.87 21.31
CA THR D 69 0.37 -9.49 22.72
C THR D 69 1.18 -10.50 23.51
N LEU D 70 2.10 -9.99 24.34
CA LEU D 70 3.02 -10.83 25.11
C LEU D 70 2.85 -10.55 26.59
N ASP D 71 2.84 -11.62 27.38
CA ASP D 71 2.79 -11.54 28.83
C ASP D 71 4.01 -12.21 29.43
N THR D 72 4.62 -11.56 30.44
CA THR D 72 5.84 -12.08 31.04
C THR D 72 5.57 -13.25 31.97
N GLU D 73 4.36 -13.33 32.54
CA GLU D 73 4.06 -14.40 33.48
C GLU D 73 3.99 -15.76 32.79
N LYS D 74 3.59 -15.80 31.53
CA LYS D 74 3.48 -17.05 30.81
C LYS D 74 4.84 -17.76 30.76
N ASP D 75 4.81 -19.08 30.95
CA ASP D 75 6.02 -19.88 30.93
C ASP D 75 5.97 -20.90 29.78
N ASN D 94 11.43 -1.55 11.40
CA ASN D 94 11.57 -2.97 11.76
C ASN D 94 12.12 -3.09 13.18
N PHE D 95 11.59 -4.03 13.94
CA PHE D 95 12.01 -4.21 15.33
C PHE D 95 11.73 -5.64 15.76
N PHE D 96 12.37 -6.03 16.87
CA PHE D 96 12.24 -7.37 17.40
C PHE D 96 12.08 -7.30 18.91
N VAL D 97 11.55 -8.37 19.49
CA VAL D 97 11.28 -8.45 20.91
C VAL D 97 11.95 -9.70 21.47
N ILE D 98 12.60 -9.56 22.61
CA ILE D 98 13.26 -10.67 23.30
C ILE D 98 12.61 -10.83 24.66
N LYS D 99 12.21 -12.07 24.97
CA LYS D 99 11.68 -12.42 26.28
C LYS D 99 12.55 -13.53 26.87
N ALA D 100 13.03 -13.31 28.09
CA ALA D 100 13.95 -14.25 28.73
C ALA D 100 13.16 -15.38 29.37
N LYS D 101 13.34 -16.60 28.87
CA LYS D 101 12.67 -17.76 29.45
C LYS D 101 13.30 -18.18 30.77
N GLU D 102 14.62 -18.01 30.90
CA GLU D 102 15.35 -18.37 32.11
C GLU D 102 16.48 -17.37 32.31
N ASN D 103 17.20 -17.54 33.41
CA ASN D 103 18.32 -16.67 33.72
C ASN D 103 19.50 -16.97 32.80
N GLY D 104 20.37 -15.97 32.63
CA GLY D 104 21.54 -16.11 31.79
C GLY D 104 21.37 -15.69 30.35
N VAL D 105 20.27 -15.01 30.02
CA VAL D 105 20.02 -14.56 28.66
C VAL D 105 20.85 -13.31 28.39
N ASN D 106 21.61 -13.31 27.30
CA ASN D 106 22.44 -12.19 26.90
C ASN D 106 22.26 -11.92 25.42
N VAL D 107 22.50 -10.67 25.02
CA VAL D 107 22.33 -10.24 23.64
C VAL D 107 23.53 -9.39 23.24
N PHE D 108 23.99 -9.57 22.01
CA PHE D 108 25.09 -8.79 21.44
C PHE D 108 24.66 -8.18 20.13
N GLY D 109 25.26 -7.05 19.78
CA GLY D 109 24.94 -6.32 18.57
C GLY D 109 26.18 -6.10 17.73
N MET D 110 26.02 -6.25 16.42
CA MET D 110 27.13 -6.10 15.49
C MET D 110 27.12 -4.71 14.87
N THR D 111 28.30 -4.14 14.68
CA THR D 111 28.44 -2.80 14.14
C THR D 111 28.24 -2.80 12.63
N ARG D 112 27.61 -1.74 12.13
CA ARG D 112 27.37 -1.61 10.71
C ARG D 112 28.67 -1.35 9.95
N GLY D 113 28.69 -1.77 8.69
CA GLY D 113 29.83 -1.52 7.83
C GLY D 113 30.92 -2.57 7.98
N THR D 114 32.12 -2.18 7.55
CA THR D 114 33.26 -3.08 7.57
C THR D 114 33.71 -3.47 8.97
N ASP D 115 33.26 -2.74 10.00
CA ASP D 115 33.69 -3.03 11.36
C ASP D 115 33.14 -4.37 11.82
N THR D 116 33.90 -5.05 12.68
CA THR D 116 33.56 -6.38 13.17
C THR D 116 33.67 -6.48 14.70
N ARG D 117 33.22 -5.45 15.41
CA ARG D 117 33.23 -5.46 16.87
C ARG D 117 31.98 -6.14 17.40
N PHE D 118 31.98 -6.42 18.69
CA PHE D 118 30.93 -7.17 19.36
C PHE D 118 30.51 -6.49 20.67
N HIS D 119 30.61 -5.17 20.72
CA HIS D 119 30.52 -4.44 21.99
C HIS D 119 29.07 -4.05 22.30
N HIS D 120 28.29 -5.05 22.72
CA HIS D 120 27.00 -4.82 23.36
C HIS D 120 26.75 -5.99 24.29
N SER D 121 26.44 -5.70 25.56
CA SER D 121 26.24 -6.72 26.57
C SER D 121 25.07 -6.31 27.46
N GLU D 122 23.89 -6.80 27.14
CA GLU D 122 22.69 -6.59 27.94
C GLU D 122 22.16 -7.94 28.39
N LYS D 123 22.19 -8.18 29.70
CA LYS D 123 21.75 -9.44 30.28
C LYS D 123 20.30 -9.31 30.73
N LEU D 124 19.47 -10.28 30.35
CA LEU D 124 18.05 -10.29 30.68
C LEU D 124 17.78 -11.43 31.65
N ASP D 125 17.21 -11.10 32.81
CA ASP D 125 16.82 -12.11 33.78
C ASP D 125 15.47 -12.70 33.40
N LYS D 126 15.14 -13.84 34.02
CA LYS D 126 13.89 -14.52 33.72
C LYS D 126 12.71 -13.58 33.97
N GLY D 127 11.80 -13.54 32.99
CA GLY D 127 10.65 -12.67 33.06
C GLY D 127 10.85 -11.30 32.43
N GLU D 128 12.09 -10.89 32.21
CA GLU D 128 12.35 -9.59 31.59
C GLU D 128 12.11 -9.65 30.09
N VAL D 129 11.87 -8.48 29.50
CA VAL D 129 11.60 -8.35 28.08
C VAL D 129 12.42 -7.18 27.54
N MET D 130 12.82 -7.30 26.28
CA MET D 130 13.59 -6.27 25.59
C MET D 130 12.99 -5.99 24.22
N ILE D 131 13.05 -4.73 23.81
CA ILE D 131 12.59 -4.31 22.49
C ILE D 131 13.63 -3.35 21.94
N ALA D 132 13.97 -3.52 20.65
CA ALA D 132 14.99 -2.69 20.03
C ALA D 132 14.71 -2.54 18.55
N GLN D 133 15.31 -1.52 17.96
CA GLN D 133 15.18 -1.23 16.54
C GLN D 133 16.54 -1.32 15.87
N PHE D 134 16.52 -1.63 14.57
CA PHE D 134 17.74 -1.68 13.78
C PHE D 134 18.11 -0.27 13.35
N ALA D 135 19.19 0.26 13.89
CA ALA D 135 19.62 1.64 13.64
C ALA D 135 20.86 1.63 12.77
N GLU D 136 21.31 2.84 12.42
CA GLU D 136 22.49 2.97 11.56
C GLU D 136 23.72 2.39 12.23
N HIS D 137 23.90 2.68 13.52
CA HIS D 137 25.09 2.21 14.23
C HIS D 137 25.12 0.71 14.40
N ALA D 138 23.96 0.04 14.33
CA ALA D 138 23.90 -1.41 14.50
C ALA D 138 22.60 -1.92 13.91
N SER D 139 22.71 -2.90 13.00
CA SER D 139 21.54 -3.51 12.38
C SER D 139 21.69 -5.03 12.32
N ALA D 140 22.35 -5.63 13.31
CA ALA D 140 22.51 -7.07 13.39
C ALA D 140 22.77 -7.45 14.83
N VAL D 141 22.05 -8.46 15.32
CA VAL D 141 22.01 -8.79 16.74
C VAL D 141 22.25 -10.28 16.91
N LYS D 142 22.98 -10.62 17.98
CA LYS D 142 23.20 -12.00 18.39
C LYS D 142 22.61 -12.19 19.79
N ILE D 143 21.98 -13.33 20.02
CA ILE D 143 21.23 -13.60 21.25
C ILE D 143 21.77 -14.88 21.88
N ARG D 144 21.83 -14.88 23.20
CA ARG D 144 22.31 -16.01 23.97
C ARG D 144 21.25 -16.46 24.97
N GLY D 145 21.36 -17.72 25.38
CA GLY D 145 20.50 -18.25 26.42
C GLY D 145 19.13 -18.67 25.90
N LYS D 146 18.26 -18.99 26.85
CA LYS D 146 16.90 -19.43 26.55
C LYS D 146 15.98 -18.22 26.55
N ALA D 147 15.35 -17.96 25.40
CA ALA D 147 14.49 -16.79 25.26
C ALA D 147 13.46 -17.06 24.17
N ILE D 148 12.41 -16.24 24.17
CA ILE D 148 11.36 -16.28 23.17
C ILE D 148 11.47 -15.03 22.32
N ILE D 149 11.46 -15.21 21.00
CA ILE D 149 11.69 -14.12 20.05
C ILE D 149 10.42 -13.92 19.24
N GLN D 150 10.03 -12.66 19.07
CA GLN D 150 8.88 -12.26 18.26
C GLN D 150 9.36 -11.44 17.09
N THR D 151 8.85 -11.76 15.89
CA THR D 151 9.22 -11.05 14.68
C THR D 151 8.01 -10.99 13.75
N SER D 152 8.15 -10.19 12.69
CA SER D 152 7.06 -10.04 11.74
C SER D 152 6.73 -11.36 11.04
N TYR D 153 7.68 -12.30 11.01
CA TYR D 153 7.44 -13.60 10.38
C TYR D 153 6.68 -14.54 11.30
N GLY D 154 7.05 -14.59 12.57
CA GLY D 154 6.40 -15.47 13.51
C GLY D 154 7.13 -15.48 14.84
N THR D 155 6.69 -16.40 15.71
CA THR D 155 7.26 -16.56 17.03
C THR D 155 8.27 -17.71 17.01
N LEU D 156 9.42 -17.48 17.64
CA LEU D 156 10.51 -18.45 17.68
C LEU D 156 10.90 -18.73 19.12
N ASP D 157 11.12 -20.00 19.44
CA ASP D 157 11.58 -20.42 20.75
C ASP D 157 12.97 -21.04 20.61
N THR D 158 13.90 -20.57 21.44
CA THR D 158 15.26 -21.09 21.39
C THR D 158 15.29 -22.57 21.76
N GLU D 159 14.44 -23.00 22.68
CA GLU D 159 14.40 -24.41 23.09
C GLU D 159 13.35 -25.16 22.28
N ASN E 8 -10.35 12.08 -5.05
CA ASN E 8 -11.26 11.08 -5.58
C ASN E 8 -12.30 11.73 -6.49
N PHE E 9 -13.15 10.91 -7.10
CA PHE E 9 -14.19 11.38 -7.99
C PHE E 9 -15.51 10.68 -7.65
N PHE E 10 -16.61 11.31 -8.06
CA PHE E 10 -17.95 10.83 -7.76
C PHE E 10 -18.77 10.76 -9.04
N VAL E 11 -19.87 10.01 -8.98
CA VAL E 11 -20.75 9.77 -10.11
C VAL E 11 -22.18 10.15 -9.70
N ILE E 12 -22.87 10.86 -10.59
CA ILE E 12 -24.26 11.23 -10.39
C ILE E 12 -25.09 10.67 -11.54
N LYS E 13 -26.18 10.01 -11.21
CA LYS E 13 -27.16 9.55 -12.18
C LYS E 13 -28.52 10.14 -11.84
N ALA E 14 -29.21 10.66 -12.86
CA ALA E 14 -30.47 11.35 -12.67
C ALA E 14 -31.63 10.39 -12.88
N LYS E 15 -32.49 10.26 -11.87
CA LYS E 15 -33.69 9.46 -11.96
C LYS E 15 -34.89 10.23 -12.49
N GLU E 16 -34.75 11.54 -12.71
CA GLU E 16 -35.83 12.36 -13.22
C GLU E 16 -35.24 13.61 -13.85
N ASN E 17 -36.10 14.40 -14.49
CA ASN E 17 -35.70 15.71 -14.97
C ASN E 17 -35.78 16.72 -13.84
N GLY E 18 -34.98 17.78 -13.97
CA GLY E 18 -34.91 18.80 -12.94
C GLY E 18 -33.79 18.62 -11.93
N VAL E 19 -32.94 17.61 -12.11
CA VAL E 19 -31.82 17.40 -11.19
C VAL E 19 -30.74 18.42 -11.48
N ASN E 20 -30.28 19.11 -10.44
CA ASN E 20 -29.30 20.17 -10.56
C ASN E 20 -28.12 19.89 -9.63
N VAL E 21 -26.93 20.29 -10.07
CA VAL E 21 -25.70 20.13 -9.32
C VAL E 21 -24.99 21.48 -9.26
N PHE E 22 -24.37 21.78 -8.12
CA PHE E 22 -23.69 23.05 -7.90
C PHE E 22 -22.25 22.79 -7.50
N GLY E 23 -21.36 23.68 -7.91
CA GLY E 23 -19.95 23.62 -7.56
C GLY E 23 -19.57 24.82 -6.69
N MET E 24 -19.00 24.52 -5.53
CA MET E 24 -18.59 25.54 -4.58
C MET E 24 -17.08 25.70 -4.58
N THR E 25 -16.63 26.95 -4.49
CA THR E 25 -15.21 27.26 -4.67
C THR E 25 -14.38 26.84 -3.46
N ARG E 26 -13.14 26.46 -3.72
CA ARG E 26 -12.16 26.20 -2.69
C ARG E 26 -11.53 27.53 -2.26
N GLY E 27 -11.75 27.92 -1.02
CA GLY E 27 -11.20 29.17 -0.53
C GLY E 27 -11.80 29.54 0.81
N THR E 28 -11.62 30.81 1.19
CA THR E 28 -12.06 31.28 2.49
C THR E 28 -13.60 31.22 2.60
N ASP E 29 -14.30 31.58 1.54
CA ASP E 29 -15.76 31.63 1.54
C ASP E 29 -16.31 30.45 0.77
N THR E 30 -17.52 30.03 1.13
CA THR E 30 -18.18 28.88 0.53
C THR E 30 -19.49 29.33 -0.11
N ARG E 31 -19.42 29.66 -1.40
CA ARG E 31 -20.59 29.98 -2.20
C ARG E 31 -20.55 29.22 -3.51
N PHE E 32 -21.73 29.01 -4.08
CA PHE E 32 -21.88 28.29 -5.34
C PHE E 32 -21.72 29.29 -6.49
N HIS E 33 -20.84 28.95 -7.43
CA HIS E 33 -20.55 29.82 -8.57
C HIS E 33 -21.08 29.28 -9.89
N HIS E 34 -21.22 27.96 -10.01
CA HIS E 34 -21.68 27.32 -11.24
C HIS E 34 -22.79 26.34 -10.93
N SER E 35 -23.68 26.15 -11.89
CA SER E 35 -24.79 25.21 -11.74
C SER E 35 -25.04 24.53 -13.08
N GLU E 36 -25.31 23.22 -13.04
CA GLU E 36 -25.57 22.43 -14.23
C GLU E 36 -26.87 21.66 -14.06
N LYS E 37 -27.54 21.40 -15.17
CA LYS E 37 -28.82 20.72 -15.19
C LYS E 37 -28.69 19.35 -15.84
N LEU E 38 -29.30 18.35 -15.23
CA LEU E 38 -29.29 16.98 -15.73
C LEU E 38 -30.71 16.53 -16.02
N ASP E 39 -30.88 15.82 -17.14
CA ASP E 39 -32.17 15.27 -17.52
C ASP E 39 -32.28 13.83 -17.02
N LYS E 40 -33.51 13.31 -17.05
CA LYS E 40 -33.75 11.95 -16.57
C LYS E 40 -32.93 10.96 -17.38
N GLY E 41 -32.23 10.08 -16.67
CA GLY E 41 -31.42 9.05 -17.30
C GLY E 41 -30.00 9.48 -17.65
N GLU E 42 -29.65 10.75 -17.45
CA GLU E 42 -28.29 11.19 -17.72
C GLU E 42 -27.38 10.89 -16.53
N VAL E 43 -26.08 10.83 -16.80
CA VAL E 43 -25.08 10.52 -15.81
C VAL E 43 -23.92 11.50 -15.94
N MET E 44 -23.37 11.92 -14.81
CA MET E 44 -22.26 12.86 -14.76
C MET E 44 -21.15 12.32 -13.87
N ILE E 45 -19.91 12.54 -14.28
CA ILE E 45 -18.74 12.15 -13.51
C ILE E 45 -17.84 13.37 -13.38
N ALA E 46 -17.42 13.66 -12.15
CA ALA E 46 -16.59 14.84 -11.89
C ALA E 46 -15.60 14.52 -10.78
N GLN E 47 -14.47 15.23 -10.80
CA GLN E 47 -13.43 15.08 -9.80
C GLN E 47 -13.18 16.41 -9.09
N PHE E 48 -12.81 16.33 -7.82
CA PHE E 48 -12.48 17.52 -7.06
C PHE E 48 -11.18 18.12 -7.59
N THR E 49 -11.18 19.44 -7.80
CA THR E 49 -10.05 20.15 -8.38
C THR E 49 -9.65 21.30 -7.45
N GLU E 50 -8.67 22.08 -7.92
CA GLU E 50 -8.19 23.21 -7.14
C GLU E 50 -9.28 24.24 -6.91
N HIS E 51 -10.07 24.53 -7.96
CA HIS E 51 -11.13 25.52 -7.82
C HIS E 51 -12.25 25.04 -6.92
N THR E 52 -12.68 23.80 -7.07
CA THR E 52 -13.86 23.27 -6.40
C THR E 52 -13.46 22.27 -5.33
N SER E 53 -14.09 22.38 -4.15
CA SER E 53 -13.86 21.44 -3.07
C SER E 53 -15.14 20.80 -2.54
N ALA E 54 -16.31 21.23 -3.00
CA ALA E 54 -17.57 20.67 -2.52
C ALA E 54 -18.63 20.91 -3.57
N VAL E 55 -19.72 20.15 -3.47
CA VAL E 55 -20.84 20.22 -4.39
C VAL E 55 -22.14 20.04 -3.62
N LYS E 56 -23.24 20.40 -4.27
CA LYS E 56 -24.58 20.22 -3.71
C LYS E 56 -25.47 19.58 -4.77
N ILE E 57 -26.37 18.71 -4.32
CA ILE E 57 -27.24 17.94 -5.21
C ILE E 57 -28.67 18.05 -4.71
N ARG E 58 -29.60 18.28 -5.63
CA ARG E 58 -31.02 18.34 -5.31
C ARG E 58 -31.81 17.54 -6.35
N GLY E 59 -32.85 16.86 -5.89
CA GLY E 59 -33.71 16.08 -6.77
C GLY E 59 -33.43 14.59 -6.65
N LYS E 60 -34.26 13.82 -7.35
CA LYS E 60 -34.13 12.37 -7.37
C LYS E 60 -32.92 12.00 -8.22
N ALA E 61 -31.92 11.38 -7.59
CA ALA E 61 -30.71 11.00 -8.30
C ALA E 61 -30.02 9.87 -7.54
N ILE E 62 -29.08 9.23 -8.21
CA ILE E 62 -28.30 8.13 -7.65
C ILE E 62 -26.84 8.58 -7.61
N ILE E 63 -26.21 8.41 -6.45
CA ILE E 63 -24.83 8.85 -6.22
C ILE E 63 -24.01 7.64 -5.81
N GLN E 64 -22.87 7.47 -6.46
CA GLN E 64 -21.94 6.38 -6.14
C GLN E 64 -20.65 6.96 -5.61
N THR E 65 -20.16 6.40 -4.50
CA THR E 65 -18.94 6.85 -3.88
C THR E 65 -18.21 5.64 -3.31
N SER E 66 -16.94 5.83 -2.96
CA SER E 66 -16.16 4.76 -2.35
C SER E 66 -16.84 4.22 -1.09
N TYR E 67 -17.51 5.10 -0.34
CA TYR E 67 -18.23 4.64 0.85
C TYR E 67 -19.40 3.75 0.47
N GLY E 68 -20.01 3.99 -0.68
CA GLY E 68 -21.12 3.19 -1.16
C GLY E 68 -21.95 3.98 -2.15
N THR E 69 -23.09 3.39 -2.50
CA THR E 69 -24.04 4.02 -3.41
C THR E 69 -25.21 4.57 -2.62
N LEU E 70 -25.56 5.82 -2.89
CA LEU E 70 -26.61 6.53 -2.15
C LEU E 70 -27.69 6.99 -3.12
N ASP E 71 -28.94 6.82 -2.70
CA ASP E 71 -30.09 7.29 -3.46
C ASP E 71 -30.90 8.26 -2.60
N THR E 72 -31.32 9.37 -3.22
CA THR E 72 -32.05 10.40 -2.48
C THR E 72 -33.49 10.00 -2.19
N GLU E 73 -34.08 9.14 -3.03
CA GLU E 73 -35.48 8.76 -2.84
C GLU E 73 -35.67 7.93 -1.58
N LYS E 74 -34.67 7.15 -1.19
CA LYS E 74 -34.79 6.31 0.00
C LYS E 74 -35.07 7.16 1.23
N ASP E 75 -35.97 6.67 2.08
CA ASP E 75 -36.32 7.37 3.32
C ASP E 75 -35.96 6.53 4.53
N ASN E 94 -9.62 12.87 1.76
CA ASN E 94 -10.69 12.54 2.68
C ASN E 94 -11.90 13.43 2.43
N PHE E 95 -13.09 12.86 2.48
CA PHE E 95 -14.31 13.61 2.20
C PHE E 95 -15.49 12.92 2.88
N PHE E 96 -16.58 13.68 2.99
CA PHE E 96 -17.78 13.22 3.66
C PHE E 96 -19.00 13.60 2.82
N VAL E 97 -20.11 12.92 3.07
CA VAL E 97 -21.35 13.13 2.34
C VAL E 97 -22.46 13.38 3.34
N ILE E 98 -23.30 14.37 3.06
CA ILE E 98 -24.44 14.72 3.89
C ILE E 98 -25.70 14.55 3.05
N LYS E 99 -26.67 13.80 3.58
CA LYS E 99 -27.98 13.66 2.97
C LYS E 99 -29.04 14.14 3.95
N ALA E 100 -29.90 15.05 3.49
CA ALA E 100 -30.90 15.67 4.37
C ALA E 100 -32.11 14.75 4.48
N LYS E 101 -32.37 14.24 5.68
CA LYS E 101 -33.54 13.40 5.91
C LYS E 101 -34.82 14.21 5.94
N GLU E 102 -34.75 15.44 6.45
CA GLU E 102 -35.92 16.32 6.54
C GLU E 102 -35.46 17.76 6.30
N ASN E 103 -36.43 18.67 6.31
CA ASN E 103 -36.12 20.08 6.12
C ASN E 103 -35.46 20.65 7.37
N GLY E 104 -34.72 21.74 7.17
CA GLY E 104 -34.04 22.40 8.26
C GLY E 104 -32.62 21.95 8.52
N VAL E 105 -32.03 21.18 7.62
CA VAL E 105 -30.66 20.69 7.79
C VAL E 105 -29.70 21.82 7.43
N ASN E 106 -28.75 22.09 8.33
CA ASN E 106 -27.75 23.12 8.14
C ASN E 106 -26.38 22.58 8.52
N VAL E 107 -25.34 23.15 7.93
CA VAL E 107 -23.97 22.73 8.15
C VAL E 107 -23.09 23.95 8.34
N PHE E 108 -22.14 23.86 9.27
CA PHE E 108 -21.19 24.93 9.54
C PHE E 108 -19.77 24.36 9.47
N GLY E 109 -18.82 25.23 9.12
CA GLY E 109 -17.43 24.84 8.97
C GLY E 109 -16.54 25.71 9.85
N MET E 110 -15.55 25.08 10.47
CA MET E 110 -14.63 25.77 11.36
C MET E 110 -13.34 26.12 10.62
N THR E 111 -12.80 27.29 10.93
CA THR E 111 -11.60 27.77 10.27
C THR E 111 -10.36 27.10 10.85
N ARG E 112 -9.39 26.83 9.98
CA ARG E 112 -8.15 26.19 10.42
C ARG E 112 -7.32 27.15 11.26
N GLY E 113 -6.50 26.58 12.14
CA GLY E 113 -5.59 27.37 12.94
C GLY E 113 -6.24 27.92 14.20
N THR E 114 -5.60 28.95 14.74
CA THR E 114 -6.06 29.57 15.98
C THR E 114 -7.40 30.27 15.85
N ASP E 115 -7.86 30.52 14.62
CA ASP E 115 -9.13 31.23 14.44
C ASP E 115 -10.30 30.36 14.91
N THR E 116 -11.35 31.03 15.41
CA THR E 116 -12.52 30.36 15.97
C THR E 116 -13.81 30.92 15.40
N ARG E 117 -13.85 31.20 14.10
CA ARG E 117 -15.06 31.69 13.45
C ARG E 117 -15.95 30.51 13.04
N PHE E 118 -17.19 30.84 12.66
CA PHE E 118 -18.22 29.85 12.36
C PHE E 118 -18.94 30.22 11.06
N HIS E 119 -18.23 30.85 10.13
CA HIS E 119 -18.88 31.49 8.97
C HIS E 119 -19.00 30.53 7.79
N HIS E 120 -19.95 29.59 7.92
CA HIS E 120 -20.42 28.81 6.78
C HIS E 120 -21.87 28.42 7.08
N SER E 121 -22.77 28.71 6.14
CA SER E 121 -24.19 28.46 6.31
C SER E 121 -24.76 27.92 5.00
N GLU E 122 -24.84 26.61 4.89
CA GLU E 122 -25.45 25.94 3.74
C GLU E 122 -26.61 25.10 4.23
N LYS E 123 -27.82 25.46 3.82
CA LYS E 123 -29.03 24.76 4.25
C LYS E 123 -29.42 23.74 3.19
N LEU E 124 -29.69 22.51 3.63
CA LEU E 124 -30.06 21.41 2.75
C LEU E 124 -31.51 21.04 2.99
N ASP E 125 -32.31 21.07 1.93
CA ASP E 125 -33.70 20.66 2.02
C ASP E 125 -33.80 19.14 1.92
N LYS E 126 -34.97 18.62 2.29
CA LYS E 126 -35.18 17.17 2.26
C LYS E 126 -34.92 16.63 0.86
N GLY E 127 -34.14 15.54 0.79
CA GLY E 127 -33.77 14.93 -0.46
C GLY E 127 -32.48 15.45 -1.07
N GLU E 128 -31.99 16.60 -0.61
CA GLU E 128 -30.75 17.14 -1.14
C GLU E 128 -29.55 16.41 -0.54
N VAL E 129 -28.42 16.48 -1.25
CA VAL E 129 -27.18 15.83 -0.83
C VAL E 129 -26.04 16.81 -1.01
N MET E 130 -25.03 16.69 -0.13
CA MET E 130 -23.86 17.54 -0.16
C MET E 130 -22.61 16.69 -0.05
N ILE E 131 -21.55 17.10 -0.75
CA ILE E 131 -20.24 16.45 -0.70
C ILE E 131 -19.19 17.53 -0.59
N ALA E 132 -18.21 17.32 0.28
CA ALA E 132 -17.18 18.33 0.52
C ALA E 132 -15.88 17.64 0.93
N GLN E 133 -14.78 18.37 0.76
CA GLN E 133 -13.46 17.91 1.14
C GLN E 133 -12.87 18.80 2.22
N PHE E 134 -11.98 18.23 3.02
CA PHE E 134 -11.29 18.99 4.06
C PHE E 134 -10.11 19.72 3.43
N ALA E 135 -10.21 21.04 3.35
CA ALA E 135 -9.21 21.88 2.70
C ALA E 135 -8.41 22.64 3.75
N GLU E 136 -7.42 23.40 3.27
CA GLU E 136 -6.56 24.16 4.18
C GLU E 136 -7.38 25.21 4.94
N HIS E 137 -8.27 25.91 4.24
CA HIS E 137 -9.05 26.97 4.87
C HIS E 137 -10.04 26.43 5.89
N ALA E 138 -10.41 25.16 5.81
CA ALA E 138 -11.38 24.59 6.74
C ALA E 138 -11.25 23.06 6.71
N SER E 139 -11.04 22.47 7.88
CA SER E 139 -10.94 21.01 8.00
C SER E 139 -11.74 20.50 9.20
N ALA E 140 -12.85 21.16 9.52
CA ALA E 140 -13.71 20.73 10.61
C ALA E 140 -15.10 21.29 10.37
N VAL E 141 -16.11 20.43 10.49
CA VAL E 141 -17.47 20.74 10.08
C VAL E 141 -18.45 20.40 11.19
N LYS E 142 -19.46 21.23 11.33
CA LYS E 142 -20.57 21.00 12.25
C LYS E 142 -21.86 20.90 11.45
N ILE E 143 -22.73 19.96 11.84
CA ILE E 143 -23.93 19.63 11.09
C ILE E 143 -25.14 19.79 12.00
N ARG E 144 -26.24 20.28 11.43
CA ARG E 144 -27.48 20.50 12.16
C ARG E 144 -28.62 19.73 11.49
N GLY E 145 -29.67 19.46 12.26
CA GLY E 145 -30.86 18.85 11.72
C GLY E 145 -30.74 17.35 11.54
N LYS E 146 -31.76 16.80 10.90
CA LYS E 146 -31.84 15.36 10.63
C LYS E 146 -31.21 15.07 9.29
N ALA E 147 -30.16 14.25 9.29
CA ALA E 147 -29.42 13.94 8.06
C ALA E 147 -28.73 12.60 8.22
N ILE E 148 -28.34 12.04 7.07
CA ILE E 148 -27.59 10.78 7.01
C ILE E 148 -26.18 11.09 6.55
N ILE E 149 -25.19 10.58 7.28
CA ILE E 149 -23.80 10.89 7.04
C ILE E 149 -23.07 9.62 6.60
N GLN E 150 -22.25 9.74 5.56
CA GLN E 150 -21.43 8.65 5.05
C GLN E 150 -19.96 9.00 5.23
N THR E 151 -19.19 8.04 5.74
CA THR E 151 -17.77 8.24 5.98
C THR E 151 -17.04 6.93 5.73
N SER E 152 -15.71 7.01 5.69
CA SER E 152 -14.90 5.83 5.47
C SER E 152 -15.08 4.79 6.56
N TYR E 153 -15.53 5.20 7.75
CA TYR E 153 -15.75 4.26 8.84
C TYR E 153 -17.09 3.54 8.72
N GLY E 154 -18.15 4.27 8.36
CA GLY E 154 -19.45 3.66 8.23
C GLY E 154 -20.51 4.72 8.02
N THR E 155 -21.76 4.27 8.05
CA THR E 155 -22.92 5.13 7.87
C THR E 155 -23.48 5.52 9.24
N LEU E 156 -23.81 6.81 9.38
CA LEU E 156 -24.32 7.35 10.63
C LEU E 156 -25.65 8.05 10.38
N ASP E 157 -26.61 7.83 11.27
CA ASP E 157 -27.91 8.48 11.21
C ASP E 157 -28.06 9.38 12.44
N THR E 158 -28.44 10.64 12.21
CA THR E 158 -28.60 11.57 13.32
C THR E 158 -29.73 11.12 14.24
N GLU E 159 -30.78 10.53 13.70
CA GLU E 159 -31.91 10.06 14.50
C GLU E 159 -31.73 8.60 14.87
N ASN F 8 -5.57 11.69 10.53
CA ASN F 8 -6.91 11.11 10.45
C ASN F 8 -7.95 12.07 11.04
N PHE F 9 -9.22 11.70 10.97
CA PHE F 9 -10.31 12.51 11.47
C PHE F 9 -11.27 11.64 12.27
N PHE F 10 -12.03 12.29 13.15
CA PHE F 10 -12.95 11.60 14.04
C PHE F 10 -14.33 12.23 13.95
N VAL F 11 -15.32 11.50 14.44
CA VAL F 11 -16.73 11.90 14.38
C VAL F 11 -17.30 11.84 15.79
N ILE F 12 -18.08 12.86 16.16
CA ILE F 12 -18.75 12.93 17.44
C ILE F 12 -20.25 13.08 17.18
N LYS F 13 -21.04 12.25 17.85
CA LYS F 13 -22.49 12.37 17.83
C LYS F 13 -22.99 12.52 19.27
N ALA F 14 -23.89 13.47 19.48
CA ALA F 14 -24.38 13.82 20.80
C ALA F 14 -25.67 13.06 21.08
N LYS F 15 -25.68 12.30 22.17
CA LYS F 15 -26.88 11.60 22.63
C LYS F 15 -27.72 12.43 23.58
N GLU F 16 -27.27 13.62 23.96
CA GLU F 16 -28.02 14.48 24.86
C GLU F 16 -27.52 15.91 24.67
N ASN F 17 -28.21 16.84 25.34
CA ASN F 17 -27.74 18.21 25.39
C ASN F 17 -26.70 18.35 26.50
N GLY F 18 -25.83 19.35 26.35
CA GLY F 18 -24.75 19.56 27.29
C GLY F 18 -23.43 18.92 26.92
N VAL F 19 -23.34 18.29 25.74
CA VAL F 19 -22.09 17.68 25.32
C VAL F 19 -21.13 18.77 24.86
N ASN F 20 -19.91 18.74 25.38
CA ASN F 20 -18.90 19.76 25.09
C ASN F 20 -17.63 19.09 24.59
N VAL F 21 -16.93 19.78 23.69
CA VAL F 21 -15.68 19.31 23.13
C VAL F 21 -14.66 20.42 23.25
N PHE F 22 -13.40 20.04 23.54
CA PHE F 22 -12.32 20.99 23.74
C PHE F 22 -11.17 20.67 22.79
N GLY F 23 -10.48 21.71 22.34
CA GLY F 23 -9.32 21.58 21.47
C GLY F 23 -8.07 22.07 22.19
N MET F 24 -7.07 21.19 22.24
CA MET F 24 -5.81 21.49 22.92
C MET F 24 -4.72 21.75 21.89
N THR F 25 -3.87 22.73 22.18
CA THR F 25 -2.90 23.22 21.22
C THR F 25 -1.74 22.24 21.05
N ARG F 26 -1.19 22.20 19.83
CA ARG F 26 0.04 21.47 19.55
C ARG F 26 1.22 22.34 19.91
N GLY F 27 2.00 21.89 20.89
CA GLY F 27 3.15 22.66 21.33
C GLY F 27 3.72 22.11 22.62
N THR F 28 4.56 22.93 23.26
CA THR F 28 5.22 22.50 24.48
C THR F 28 4.23 22.25 25.61
N ASP F 29 3.23 23.10 25.75
CA ASP F 29 2.25 23.02 26.82
C ASP F 29 0.94 22.47 26.28
N THR F 30 0.17 21.82 27.15
CA THR F 30 -1.09 21.18 26.78
C THR F 30 -2.21 21.81 27.60
N ARG F 31 -2.82 22.84 27.04
CA ARG F 31 -4.00 23.47 27.62
C ARG F 31 -5.09 23.63 26.57
N PHE F 32 -6.33 23.70 27.04
CA PHE F 32 -7.49 23.85 26.16
C PHE F 32 -7.72 25.34 25.91
N HIS F 33 -7.82 25.70 24.63
CA HIS F 33 -8.00 27.09 24.24
C HIS F 33 -9.39 27.39 23.68
N HIS F 34 -10.06 26.39 23.11
CA HIS F 34 -11.38 26.58 22.52
C HIS F 34 -12.32 25.50 23.03
N SER F 35 -13.61 25.83 23.09
CA SER F 35 -14.63 24.90 23.53
C SER F 35 -15.89 25.12 22.71
N GLU F 36 -16.55 24.02 22.33
CA GLU F 36 -17.77 24.07 21.55
C GLU F 36 -18.84 23.24 22.21
N LYS F 37 -20.09 23.62 22.00
CA LYS F 37 -21.25 22.97 22.61
C LYS F 37 -22.08 22.27 21.55
N LEU F 38 -22.50 21.04 21.84
CA LEU F 38 -23.32 20.24 20.95
C LEU F 38 -24.65 19.93 21.61
N ASP F 39 -25.72 20.01 20.84
CA ASP F 39 -27.06 19.68 21.32
C ASP F 39 -27.38 18.21 21.00
N LYS F 40 -28.43 17.71 21.65
CA LYS F 40 -28.82 16.32 21.43
C LYS F 40 -29.13 16.06 19.96
N GLY F 41 -28.56 15.01 19.42
CA GLY F 41 -28.77 14.63 18.04
C GLY F 41 -27.86 15.30 17.03
N GLU F 42 -27.00 16.22 17.45
CA GLU F 42 -26.08 16.86 16.54
C GLU F 42 -24.83 16.00 16.36
N VAL F 43 -24.14 16.23 15.26
CA VAL F 43 -22.94 15.48 14.90
C VAL F 43 -21.86 16.45 14.45
N MET F 44 -20.62 16.17 14.83
CA MET F 44 -19.47 16.98 14.48
C MET F 44 -18.37 16.12 13.90
N ILE F 45 -17.68 16.65 12.89
CA ILE F 45 -16.55 15.99 12.25
C ILE F 45 -15.40 16.97 12.23
N ALA F 46 -14.23 16.53 12.69
CA ALA F 46 -13.05 17.38 12.76
C ALA F 46 -11.80 16.55 12.48
N GLN F 47 -10.77 17.24 11.99
CA GLN F 47 -9.49 16.62 11.68
C GLN F 47 -8.38 17.29 12.47
N PHE F 48 -7.37 16.51 12.83
CA PHE F 48 -6.21 17.05 13.53
C PHE F 48 -5.43 17.96 12.59
N THR F 49 -5.06 19.14 13.09
CA THR F 49 -4.37 20.15 12.31
C THR F 49 -3.08 20.57 13.01
N GLU F 50 -2.40 21.55 12.42
CA GLU F 50 -1.15 22.03 13.00
C GLU F 50 -1.38 22.64 14.38
N HIS F 51 -2.45 23.42 14.54
CA HIS F 51 -2.71 24.05 15.83
C HIS F 51 -3.10 23.02 16.90
N THR F 52 -3.97 22.07 16.55
CA THR F 52 -4.56 21.16 17.51
C THR F 52 -4.02 19.76 17.32
N SER F 53 -3.67 19.09 18.42
CA SER F 53 -3.19 17.71 18.39
C SER F 53 -3.99 16.78 19.29
N ALA F 54 -4.90 17.30 20.10
CA ALA F 54 -5.69 16.46 21.00
C ALA F 54 -6.98 17.17 21.34
N VAL F 55 -7.94 16.40 21.83
CA VAL F 55 -9.26 16.90 22.19
C VAL F 55 -9.74 16.19 23.44
N LYS F 56 -10.76 16.77 24.09
CA LYS F 56 -11.41 16.18 25.25
C LYS F 56 -12.91 16.21 25.05
N ILE F 57 -13.58 15.16 25.53
CA ILE F 57 -15.03 14.99 25.34
C ILE F 57 -15.65 14.66 26.69
N ARG F 58 -16.77 15.30 27.00
CA ARG F 58 -17.53 15.04 28.21
C ARG F 58 -19.01 14.94 27.88
N GLY F 59 -19.70 14.03 28.55
CA GLY F 59 -21.13 13.85 28.37
C GLY F 59 -21.44 12.61 27.54
N LYS F 60 -22.73 12.33 27.43
CA LYS F 60 -23.21 11.19 26.66
C LYS F 60 -23.05 11.49 25.17
N ALA F 61 -22.21 10.72 24.49
CA ALA F 61 -21.96 10.94 23.07
C ALA F 61 -21.45 9.65 22.45
N ILE F 62 -21.47 9.61 21.12
CA ILE F 62 -21.00 8.47 20.35
C ILE F 62 -19.81 8.92 19.52
N ILE F 63 -18.71 8.17 19.59
CA ILE F 63 -17.47 8.50 18.91
C ILE F 63 -17.11 7.36 17.98
N GLN F 64 -16.78 7.70 16.74
CA GLN F 64 -16.38 6.73 15.73
C GLN F 64 -14.94 7.00 15.33
N THR F 65 -14.13 5.93 15.30
CA THR F 65 -12.73 6.04 14.93
C THR F 65 -12.34 4.78 14.16
N SER F 66 -11.18 4.85 13.51
CA SER F 66 -10.68 3.69 12.77
C SER F 66 -10.57 2.47 13.66
N TYR F 67 -10.22 2.67 14.93
CA TYR F 67 -10.15 1.54 15.86
C TYR F 67 -11.53 0.94 16.10
N GLY F 68 -12.57 1.76 16.05
CA GLY F 68 -13.92 1.30 16.24
C GLY F 68 -14.82 2.44 16.70
N THR F 69 -16.04 2.08 17.07
CA THR F 69 -17.02 3.04 17.57
C THR F 69 -17.12 2.91 19.08
N LEU F 70 -17.05 4.04 19.77
CA LEU F 70 -17.04 4.08 21.23
C LEU F 70 -18.20 4.93 21.72
N ASP F 71 -18.87 4.44 22.77
CA ASP F 71 -19.95 5.16 23.43
C ASP F 71 -19.61 5.36 24.90
N THR F 72 -19.85 6.58 25.39
CA THR F 72 -19.50 6.91 26.77
C THR F 72 -20.46 6.29 27.78
N GLU F 73 -21.71 6.03 27.37
CA GLU F 73 -22.69 5.50 28.31
C GLU F 73 -22.37 4.07 28.72
N LYS F 74 -21.72 3.31 27.85
CA LYS F 74 -21.40 1.92 28.16
C LYS F 74 -20.50 1.85 29.38
N ASP F 75 -20.77 0.87 30.25
CA ASP F 75 -19.99 0.68 31.46
C ASP F 75 -19.30 -0.68 31.44
N ASN F 94 -0.55 8.36 13.88
CA ASN F 94 -0.84 7.45 14.99
C ASN F 94 -1.49 8.22 16.14
N PHE F 95 -2.49 7.62 16.76
CA PHE F 95 -3.22 8.28 17.83
C PHE F 95 -3.85 7.23 18.73
N PHE F 96 -4.25 7.67 19.93
CA PHE F 96 -4.83 6.80 20.92
C PHE F 96 -6.04 7.51 21.55
N VAL F 97 -6.92 6.71 22.17
CA VAL F 97 -8.14 7.19 22.78
C VAL F 97 -8.19 6.70 24.22
N ILE F 98 -8.55 7.60 25.14
CA ILE F 98 -8.68 7.29 26.55
C ILE F 98 -10.14 7.53 26.95
N LYS F 99 -10.75 6.54 27.58
CA LYS F 99 -12.08 6.66 28.15
C LYS F 99 -12.01 6.38 29.64
N ALA F 100 -12.54 7.30 30.44
CA ALA F 100 -12.46 7.19 31.89
C ALA F 100 -13.57 6.29 32.40
N LYS F 101 -13.19 5.14 32.98
CA LYS F 101 -14.17 4.23 33.55
C LYS F 101 -14.72 4.76 34.87
N GLU F 102 -13.89 5.45 35.66
CA GLU F 102 -14.30 6.00 36.93
C GLU F 102 -13.58 7.32 37.15
N ASN F 103 -13.90 7.98 38.26
CA ASN F 103 -13.27 9.25 38.60
C ASN F 103 -11.82 9.03 39.03
N GLY F 104 -11.02 10.07 38.90
CA GLY F 104 -9.62 10.02 39.27
C GLY F 104 -8.67 9.63 38.17
N VAL F 105 -9.12 9.60 36.92
CA VAL F 105 -8.26 9.23 35.79
C VAL F 105 -7.39 10.43 35.43
N ASN F 106 -6.08 10.20 35.34
CA ASN F 106 -5.12 11.24 34.98
C ASN F 106 -4.14 10.69 33.95
N VAL F 107 -3.59 11.60 33.15
CA VAL F 107 -2.67 11.24 32.08
C VAL F 107 -1.48 12.20 32.11
N PHE F 108 -0.29 11.65 31.86
CA PHE F 108 0.94 12.44 31.80
C PHE F 108 1.65 12.15 30.49
N GLY F 109 2.41 13.13 30.01
CA GLY F 109 3.13 13.03 28.75
C GLY F 109 4.61 13.29 28.96
N MET F 110 5.44 12.51 28.28
CA MET F 110 6.88 12.61 28.39
C MET F 110 7.44 13.44 27.24
N THR F 111 8.45 14.25 27.55
CA THR F 111 9.04 15.13 26.55
C THR F 111 10.00 14.35 25.65
N ARG F 112 10.02 14.73 24.38
CA ARG F 112 10.89 14.08 23.41
C ARG F 112 12.36 14.43 23.68
N GLY F 113 13.25 13.52 23.28
CA GLY F 113 14.67 13.76 23.40
C GLY F 113 15.21 13.40 24.77
N THR F 114 16.38 13.97 25.07
CA THR F 114 17.08 13.69 26.32
C THR F 114 16.33 14.22 27.54
N ASP F 115 15.36 15.10 27.36
CA ASP F 115 14.64 15.66 28.50
C ASP F 115 13.81 14.59 29.20
N THR F 116 13.65 14.73 30.51
CA THR F 116 12.94 13.76 31.35
C THR F 116 11.91 14.43 32.25
N ARG F 117 11.18 15.42 31.74
CA ARG F 117 10.13 16.09 32.49
C ARG F 117 8.83 15.31 32.39
N PHE F 118 7.86 15.70 33.23
CA PHE F 118 6.59 14.99 33.37
C PHE F 118 5.44 15.98 33.39
N HIS F 119 5.58 17.11 32.69
CA HIS F 119 4.67 18.23 32.85
C HIS F 119 3.48 18.15 31.89
N HIS F 120 2.56 17.24 32.21
CA HIS F 120 1.22 17.24 31.60
C HIS F 120 0.27 16.63 32.62
N SER F 121 -0.81 17.34 32.91
CA SER F 121 -1.78 16.91 33.92
C SER F 121 -3.19 17.21 33.41
N GLU F 122 -3.82 16.20 32.80
CA GLU F 122 -5.20 16.30 32.35
C GLU F 122 -6.01 15.22 33.06
N LYS F 123 -6.95 15.65 33.89
CA LYS F 123 -7.79 14.73 34.66
C LYS F 123 -9.10 14.50 33.92
N LEU F 124 -9.48 13.24 33.79
CA LEU F 124 -10.69 12.84 33.09
C LEU F 124 -11.69 12.26 34.09
N ASP F 125 -12.87 12.84 34.13
CA ASP F 125 -13.93 12.34 34.99
C ASP F 125 -14.64 11.16 34.32
N LYS F 126 -15.41 10.43 35.11
CA LYS F 126 -16.12 9.27 34.59
C LYS F 126 -17.02 9.68 33.43
N GLY F 127 -16.94 8.92 32.34
CA GLY F 127 -17.70 9.20 31.14
C GLY F 127 -17.00 10.09 30.14
N GLU F 128 -15.94 10.78 30.53
CA GLU F 128 -15.21 11.64 29.61
C GLU F 128 -14.29 10.80 28.73
N VAL F 129 -13.93 11.38 27.58
CA VAL F 129 -13.08 10.72 26.60
C VAL F 129 -12.02 11.71 26.13
N MET F 130 -10.83 11.19 25.81
CA MET F 130 -9.72 12.00 25.32
C MET F 130 -9.12 11.35 24.09
N ILE F 131 -8.67 12.19 23.16
CA ILE F 131 -7.99 11.74 21.94
C ILE F 131 -6.79 12.65 21.73
N ALA F 132 -5.65 12.06 21.38
CA ALA F 132 -4.42 12.81 21.20
C ALA F 132 -3.54 12.13 20.17
N GLN F 133 -2.61 12.91 19.63
CA GLN F 133 -1.65 12.44 18.65
C GLN F 133 -0.24 12.56 19.20
N PHE F 134 0.66 11.72 18.70
CA PHE F 134 2.07 11.77 19.08
C PHE F 134 2.75 12.84 18.25
N ALA F 135 3.15 13.93 18.88
CA ALA F 135 3.74 15.08 18.21
C ALA F 135 5.24 15.14 18.52
N GLU F 136 5.91 16.12 17.91
CA GLU F 136 7.35 16.27 18.11
C GLU F 136 7.66 16.59 19.57
N HIS F 137 6.88 17.49 20.18
CA HIS F 137 7.15 17.90 21.55
C HIS F 137 6.90 16.78 22.55
N ALA F 138 6.10 15.78 22.20
CA ALA F 138 5.80 14.68 23.11
C ALA F 138 5.29 13.49 22.30
N SER F 139 5.92 12.33 22.48
CA SER F 139 5.52 11.11 21.80
C SER F 139 5.52 9.92 22.76
N ALA F 140 5.21 10.16 24.04
CA ALA F 140 5.13 9.09 25.03
C ALA F 140 4.23 9.56 26.16
N VAL F 141 3.30 8.70 26.56
CA VAL F 141 2.22 9.09 27.46
C VAL F 141 2.13 8.07 28.59
N LYS F 142 1.83 8.56 29.79
CA LYS F 142 1.55 7.74 30.96
C LYS F 142 0.13 8.01 31.43
N ILE F 143 -0.58 6.95 31.82
CA ILE F 143 -1.99 7.03 32.15
C ILE F 143 -2.21 6.51 33.56
N ARG F 144 -3.12 7.13 34.30
CA ARG F 144 -3.45 6.77 35.67
C ARG F 144 -4.93 6.47 35.79
N GLY F 145 -5.27 5.69 36.82
CA GLY F 145 -6.65 5.41 37.13
C GLY F 145 -7.25 4.33 36.26
N LYS F 146 -8.57 4.17 36.41
CA LYS F 146 -9.33 3.17 35.68
C LYS F 146 -9.84 3.78 34.38
N ALA F 147 -9.42 3.22 33.25
CA ALA F 147 -9.81 3.75 31.95
C ALA F 147 -9.76 2.65 30.91
N ILE F 148 -10.40 2.91 29.78
CA ILE F 148 -10.41 2.01 28.63
C ILE F 148 -9.60 2.66 27.52
N ILE F 149 -8.68 1.90 26.94
CA ILE F 149 -7.73 2.41 25.94
C ILE F 149 -8.00 1.72 24.62
N GLN F 150 -8.04 2.51 23.54
CA GLN F 150 -8.20 2.00 22.19
C GLN F 150 -6.96 2.31 21.38
N THR F 151 -6.48 1.31 20.64
CA THR F 151 -5.27 1.44 19.83
C THR F 151 -5.43 0.60 18.58
N SER F 152 -4.51 0.81 17.63
CA SER F 152 -4.56 0.06 16.38
C SER F 152 -4.39 -1.43 16.60
N TYR F 153 -3.81 -1.85 17.73
CA TYR F 153 -3.64 -3.26 18.02
C TYR F 153 -4.90 -3.88 18.59
N GLY F 154 -5.57 -3.18 19.51
CA GLY F 154 -6.78 -3.71 20.11
C GLY F 154 -7.24 -2.83 21.25
N THR F 155 -8.24 -3.32 21.96
CA THR F 155 -8.82 -2.62 23.10
C THR F 155 -8.21 -3.16 24.39
N LEU F 156 -7.87 -2.25 25.30
CA LEU F 156 -7.24 -2.60 26.56
C LEU F 156 -8.03 -1.99 27.70
N ASP F 157 -8.22 -2.78 28.77
CA ASP F 157 -8.88 -2.35 29.98
C ASP F 157 -7.89 -2.36 31.13
N THR F 158 -7.81 -1.25 31.85
CA THR F 158 -6.89 -1.17 32.99
C THR F 158 -7.25 -2.18 34.07
N GLU F 159 -8.54 -2.42 34.27
CA GLU F 159 -8.99 -3.37 35.29
C GLU F 159 -9.19 -4.75 34.67
N TRP G . -15.50 23.99 -14.30
CA TRP G . -15.28 23.09 -13.18
C TRP G . -13.79 22.82 -12.99
O TRP G . -13.05 23.68 -12.49
CB TRP G . -16.03 21.77 -13.38
CG TRP G . -16.22 20.97 -12.13
CD1 TRP G . -15.23 20.46 -11.34
CD2 TRP G . -17.46 20.58 -11.54
NE1 TRP G . -15.79 19.77 -10.29
CE2 TRP G . -17.15 19.82 -10.38
CE3 TRP G . -18.80 20.77 -11.87
CZ2 TRP G . -18.13 19.29 -9.56
CZ3 TRP G . -19.78 20.23 -11.06
CH2 TRP G . -19.44 19.50 -9.91
OXT TRP G . -13.32 21.75 -13.33
H TRP G . -14.79 24.12 -14.79
HA TRP G . -15.62 23.51 -12.37
HB2 TRP G . -16.91 21.97 -13.75
HB3 TRP G . -15.54 21.23 -14.02
HD1 TRP G . -14.32 20.56 -11.49
HE1 TRP G . -15.34 19.37 -9.66
HE3 TRP G . -19.04 21.27 -12.63
HZ2 TRP G . -17.92 18.79 -8.80
HZ3 TRP G . -20.68 20.36 -11.26
HH2 TRP G . -20.11 19.15 -9.38
N TRP H . 24.36 -7.80 -18.34
CA TRP H . 22.90 -7.74 -18.26
C TRP H . 22.46 -6.55 -17.42
O TRP H . 22.51 -5.39 -17.86
CB TRP H . 22.35 -9.04 -17.67
CG TRP H . 20.88 -9.25 -17.93
CD1 TRP H . 19.86 -8.45 -17.51
CD2 TRP H . 20.28 -10.34 -18.64
NE1 TRP H . 18.65 -8.97 -17.93
CE2 TRP H . 18.89 -10.13 -18.62
CE3 TRP H . 20.79 -11.48 -19.28
CZ2 TRP H . 18.00 -11.01 -19.24
CZ3 TRP H . 19.90 -12.34 -19.89
CH2 TRP H . 18.52 -12.10 -19.86
OXT TRP H . 22.04 -6.72 -16.28
H TRP H . 24.75 -7.26 -17.80
HA TRP H . 22.54 -7.63 -19.15
HB2 TRP H . 22.83 -9.78 -18.06
HB3 TRP H . 22.48 -9.02 -16.71
HD1 TRP H . 19.95 -7.67 -17.03
HE1 TRP H . 17.88 -8.62 -17.79
HE3 TRP H . 21.70 -11.63 -19.31
HZ2 TRP H . 17.08 -10.84 -19.21
HZ3 TRP H . 20.21 -13.10 -20.33
HH2 TRP H . 17.94 -12.70 -20.27
N TRP I . 2.01 6.60 -31.03
CA TRP I . 1.20 6.51 -29.81
C TRP I . 2.02 6.96 -28.60
O TRP I . 2.24 8.15 -28.39
CB TRP I . 0.70 5.08 -29.62
CG TRP I . -0.46 4.97 -28.66
CD1 TRP I . -0.46 5.32 -27.34
CD2 TRP I . -1.76 4.46 -28.94
NE1 TRP I . -1.69 5.06 -26.79
CE2 TRP I . -2.51 4.54 -27.75
CE3 TRP I . -2.38 3.95 -30.09
CZ2 TRP I . -3.83 4.13 -27.68
CZ3 TRP I . -3.70 3.54 -30.02
CH2 TRP I . -4.42 3.63 -28.81
OXT TRP I . 2.44 6.13 -27.82
H TRP I . 2.85 6.76 -30.88
HA TRP I . 0.44 7.10 -29.90
HB2 TRP I . 0.41 4.73 -30.47
HB3 TRP I . 1.42 4.54 -29.27
HD1 TRP I . 0.27 5.67 -26.88
HE1 TRP I . -1.92 5.21 -25.98
HE3 TRP I . -1.90 3.89 -30.90
HZ2 TRP I . -4.32 4.19 -26.88
HZ3 TRP I . -4.11 3.20 -30.77
HH2 TRP I . -5.30 3.35 -28.79
N TRP J . 29.30 -5.43 10.30
CA TRP J . 28.26 -5.90 9.41
C TRP J . 27.44 -4.74 8.86
O TRP J . 27.91 -3.99 7.98
CB TRP J . 27.33 -6.88 10.14
CG TRP J . 26.50 -7.74 9.22
CD1 TRP J . 25.58 -7.30 8.32
CD2 TRP J . 26.51 -9.17 9.13
NE1 TRP J . 25.01 -8.37 7.67
CE2 TRP J . 25.56 -9.53 8.15
CE3 TRP J . 27.22 -10.18 9.78
CZ2 TRP J . 25.31 -10.85 7.80
CZ3 TRP J . 26.97 -11.49 9.43
CH2 TRP J . 26.02 -11.82 8.46
OXT TRP J . 26.32 -4.51 9.29
H TRP J . 29.23 -4.60 10.51
HA TRP J . 28.66 -6.37 8.66
HB2 TRP J . 27.88 -7.48 10.68
HB3 TRP J . 26.73 -6.38 10.71
HD1 TRP J . 25.36 -6.41 8.16
HE1 TRP J . 24.40 -8.32 7.05
HE3 TRP J . 27.84 -9.97 10.44
HZ2 TRP J . 24.68 -11.07 7.15
HZ3 TRP J . 27.44 -12.18 9.85
HH2 TRP J . 25.88 -12.71 8.24
N TRP K . -9.87 26.17 14.40
CA TRP K . -9.45 24.79 14.60
C TRP K . -8.39 24.39 13.58
O TRP K . -7.22 24.79 13.70
CB TRP K . -10.66 23.85 14.50
CG TRP K . -10.43 22.49 15.10
CD1 TRP K . -9.49 21.58 14.71
CD2 TRP K . -11.15 21.89 16.18
NE1 TRP K . -9.58 20.44 15.49
CE2 TRP K . -10.59 20.61 16.40
CE3 TRP K . -12.22 22.30 16.98
CZ2 TRP K . -11.07 19.75 17.38
CZ3 TRP K . -12.69 21.44 17.96
CH2 TRP K . -12.11 20.18 18.15
OXT TRP K . -8.68 23.67 12.65
H TRP K . -9.57 26.52 13.67
HA TRP K . -9.08 24.70 15.49
HB2 TRP K . -11.41 24.25 14.97
HB3 TRP K . -10.88 23.72 13.56
HD1 TRP K . -8.87 21.71 14.03
HE1 TRP K . -9.08 19.75 15.41
HE3 TRP K . -12.60 23.13 16.86
HZ2 TRP K . -10.69 18.91 17.50
HZ3 TRP K . -13.40 21.71 18.50
HH2 TRP K . -12.44 19.62 18.81
N TRP L . 12.17 11.58 26.66
CA TRP L . 12.06 10.38 25.84
C TRP L . 11.95 10.77 24.39
O TRP L . 12.02 9.93 23.52
CB TRP L . 10.81 9.57 26.22
CG TRP L . 10.82 8.16 25.74
CD1 TRP L . 10.87 7.74 24.45
CD2 TRP L . 10.76 6.97 26.55
NE1 TRP L . 10.86 6.37 24.40
CE2 TRP L . 10.79 5.88 25.67
CE3 TRP L . 10.69 6.74 27.92
CZ2 TRP L . 10.75 4.56 26.13
CZ3 TRP L . 10.65 5.43 28.37
CH2 TRP L . 10.67 4.36 27.48
OXT TRP L . 11.78 11.95 24.10
H TRP L . 12.05 12.31 26.23
HA TRP L . 12.83 9.82 25.98
HB2 TRP L . 10.74 9.56 27.19
HB3 TRP L . 10.03 10.01 25.85
HD1 TRP L . 10.91 8.29 23.70
HE1 TRP L . 10.89 5.89 23.68
HE3 TRP L . 10.67 7.45 28.53
HZ2 TRP L . 10.77 3.84 25.54
HZ3 TRP L . 10.60 5.26 29.29
HH2 TRP L . 10.66 3.49 27.80
#